data_8BBP
#
_entry.id   8BBP
#
_cell.length_a   65.320
_cell.length_b   132.510
_cell.length_c   98.830
_cell.angle_alpha   90.000
_cell.angle_beta   90.000
_cell.angle_gamma   90.000
#
_symmetry.space_group_name_H-M   'P 21 21 21'
#
loop_
_entity.id
_entity.type
_entity.pdbx_description
1 polymer 'Ferulic acid esterase'
2 polymer 'Ferulic acid esterase'
3 non-polymer 1,2-ETHANEDIOL
4 water water
#
loop_
_entity_poly.entity_id
_entity_poly.type
_entity_poly.pdbx_seq_one_letter_code
_entity_poly.pdbx_strand_id
1 'polypeptide(L)'
;QVTPRPEAAPGARPGFRAPARIISPEIMPDNKVTFRVYSKDASKVTITGEWQTGPGGVEELVKNDTGMFSITVGPLKPEL
YAYNFTVDGVKALDANNVQVRRDGTNYQNFFIIPGPESDLYFHKNNVPHGTVTKVWYKSSVIGFDRRMYVYTPAGYEGDT
QRYPVFYLLHGAGGDEDAWTNMGRTAQIMDNLIAQGKAKPMIVVMTNGNANQAGAQNEVPPVPVTQGQQGIPSGSGMTGK
FEEHLVKDVVPFIEKNFRALTGKDNRAIAGLSMGGGHTQTITNDNPGMFSYIGVFSMGIMAGRQQGADAEKIEKERDAKI
EALKKSGYKLYWIACGKDDFVYQSALTLRNTLDKHNFKYVYRESTGGHTWANWRIYLSEFAPMLFKLL
;
A
2 'polypeptide(L)'
;QVTPRPEAAPGARPGFRAPARIISPEIMPDNKVTFRVYSKDASKVTITGEWQTGPGGVEELVKNDTGMFSITVGPLKPEL
YAYNFTVDGVKALDANNVQVRRDGTNYQNFFIIPGPESDLYFHKNNVPHGTVTKVWYKSSVIGFDRRMYVYTPAGYEGDT
QRYPVFYLLHGAGGDEDAWTNMGRTAQIMDNLIAQGKAKPMIVVMTNGNANQAGAQNEVPPVPVTQGQQGIPSGSGMTGK
FEEHLVKDVVPFIEKNFRALTGKDNRAIAGLSMGGGHTQTITNDNPGMFSYIGVFSMGIMAGRQQGGDAEKIEKERDAKI
EALKKSGYKLYWIACGKDDFVYQSALTLRNTLDKHNFKYVYRESTGGHTWANWRIYLSEFAPMLFKLL
;
B
#
loop_
_chem_comp.id
_chem_comp.type
_chem_comp.name
_chem_comp.formula
EDO non-polymer 1,2-ETHANEDIOL 'C2 H6 O2'
#
# COMPACT_ATOMS: atom_id res chain seq x y z
N ARG A 21 -3.97 -19.83 16.29
CA ARG A 21 -3.37 -20.93 17.03
C ARG A 21 -2.02 -20.54 17.64
N ILE A 22 -1.20 -19.82 16.88
CA ILE A 22 0.10 -19.35 17.35
C ILE A 22 0.04 -17.83 17.41
N ILE A 23 0.29 -17.28 18.60
CA ILE A 23 0.39 -15.83 18.78
C ILE A 23 1.85 -15.44 18.69
N SER A 24 2.16 -14.57 17.74
CA SER A 24 3.52 -14.05 17.62
C SER A 24 3.44 -12.74 16.86
N PRO A 25 3.97 -11.65 17.41
CA PRO A 25 4.53 -11.50 18.75
C PRO A 25 3.43 -11.42 19.78
N GLU A 26 3.74 -11.81 21.00
CA GLU A 26 2.83 -11.65 22.12
C GLU A 26 3.48 -10.66 23.08
N ILE A 27 2.89 -9.48 23.18
CA ILE A 27 3.41 -8.42 24.03
C ILE A 27 2.79 -8.58 25.40
N MET A 28 3.63 -8.66 26.42
CA MET A 28 3.21 -8.95 27.78
C MET A 28 3.03 -7.67 28.57
N PRO A 29 2.40 -7.75 29.74
CA PRO A 29 2.11 -6.53 30.50
C PRO A 29 3.33 -5.77 31.00
N ASP A 30 4.49 -6.41 31.07
CA ASP A 30 5.72 -5.74 31.44
C ASP A 30 6.56 -5.34 30.23
N ASN A 31 6.00 -5.43 29.03
CA ASN A 31 6.67 -5.08 27.80
C ASN A 31 7.77 -6.05 27.42
N LYS A 32 7.78 -7.24 28.02
CA LYS A 32 8.44 -8.36 27.38
C LYS A 32 7.63 -8.79 26.17
N VAL A 33 8.29 -9.45 25.24
CA VAL A 33 7.64 -9.89 24.01
C VAL A 33 8.07 -11.32 23.71
N THR A 34 7.12 -12.18 23.40
CA THR A 34 7.38 -13.56 23.03
C THR A 34 7.12 -13.77 21.55
N PHE A 35 8.05 -14.46 20.91
CA PHE A 35 7.97 -14.82 19.52
C PHE A 35 7.96 -16.33 19.41
N ARG A 36 7.25 -16.85 18.42
CA ARG A 36 7.06 -18.29 18.27
C ARG A 36 7.12 -18.67 16.81
N VAL A 37 7.77 -19.81 16.53
CA VAL A 37 7.87 -20.38 15.19
C VAL A 37 7.71 -21.88 15.34
N TYR A 38 6.82 -22.49 14.56
CA TYR A 38 6.63 -23.94 14.60
C TYR A 38 7.39 -24.62 13.47
N SER A 39 8.20 -25.62 13.83
CA SER A 39 8.72 -26.56 12.85
C SER A 39 9.43 -27.71 13.53
N LYS A 40 8.98 -28.93 13.28
CA LYS A 40 9.71 -30.08 13.75
C LYS A 40 10.94 -30.37 12.91
N ASP A 41 11.04 -29.79 11.71
N ASP A 41 11.01 -29.83 11.70
CA ASP A 41 12.08 -30.08 10.74
CA ASP A 41 12.14 -30.12 10.82
C ASP A 41 13.21 -29.06 10.72
C ASP A 41 13.35 -29.26 11.12
N ALA A 42 13.13 -28.01 11.51
CA ALA A 42 14.20 -27.03 11.55
C ALA A 42 15.16 -27.31 12.70
N SER A 43 16.44 -27.02 12.47
N SER A 43 16.41 -26.95 12.49
CA SER A 43 17.48 -27.15 13.48
CA SER A 43 17.42 -27.17 13.52
C SER A 43 17.62 -25.89 14.32
C SER A 43 17.84 -25.92 14.27
N LYS A 44 17.72 -24.73 13.66
CA LYS A 44 18.07 -23.50 14.35
C LYS A 44 17.20 -22.39 13.80
N VAL A 45 16.52 -21.70 14.70
CA VAL A 45 15.74 -20.53 14.35
C VAL A 45 16.25 -19.39 15.22
N THR A 46 16.67 -18.32 14.58
CA THR A 46 17.07 -17.12 15.30
C THR A 46 16.12 -16.00 14.95
N ILE A 47 16.24 -14.92 15.71
CA ILE A 47 15.51 -13.69 15.48
C ILE A 47 16.50 -12.53 15.44
N THR A 48 16.30 -11.65 14.48
CA THR A 48 17.04 -10.40 14.32
C THR A 48 16.04 -9.29 14.48
N GLY A 49 16.28 -8.39 15.43
CA GLY A 49 15.32 -7.35 15.70
C GLY A 49 15.98 -6.09 16.23
N GLU A 50 15.24 -5.00 16.15
CA GLU A 50 15.80 -3.69 16.39
C GLU A 50 16.05 -3.39 17.86
N TRP A 51 15.62 -4.24 18.77
CA TRP A 51 15.96 -4.11 20.18
C TRP A 51 17.33 -4.69 20.51
N GLN A 52 17.96 -5.36 19.55
CA GLN A 52 19.18 -6.11 19.83
C GLN A 52 20.38 -5.17 19.84
N THR A 53 21.49 -5.68 20.34
CA THR A 53 22.67 -4.86 20.54
C THR A 53 23.40 -4.56 19.23
N GLY A 54 23.23 -5.40 18.23
CA GLY A 54 24.04 -5.37 17.02
C GLY A 54 24.01 -6.75 16.40
N PRO A 55 24.74 -6.94 15.29
N PRO A 55 24.79 -6.97 15.34
CA PRO A 55 24.77 -8.28 14.67
CA PRO A 55 24.77 -8.28 14.68
C PRO A 55 25.16 -9.41 15.62
C PRO A 55 25.22 -9.42 15.58
N GLY A 56 26.15 -9.17 16.50
CA GLY A 56 26.51 -10.20 17.46
C GLY A 56 25.42 -10.54 18.46
N GLY A 57 24.40 -9.70 18.55
CA GLY A 57 23.32 -9.88 19.50
C GLY A 57 22.08 -10.50 18.91
N VAL A 58 22.21 -11.16 17.75
CA VAL A 58 21.14 -12.01 17.25
C VAL A 58 20.82 -13.05 18.31
N GLU A 59 19.55 -13.41 18.43
CA GLU A 59 19.08 -14.27 19.52
C GLU A 59 18.49 -15.55 18.97
N GLU A 60 18.76 -16.64 19.66
CA GLU A 60 18.31 -17.95 19.20
C GLU A 60 17.05 -18.37 19.95
N LEU A 61 16.04 -18.80 19.20
CA LEU A 61 14.86 -19.35 19.82
C LEU A 61 15.14 -20.76 20.33
N VAL A 62 14.42 -21.13 21.37
CA VAL A 62 14.60 -22.41 22.04
C VAL A 62 13.52 -23.34 21.54
N LYS A 63 13.92 -24.52 21.07
CA LYS A 63 13.01 -25.52 20.55
CA LYS A 63 13.00 -25.51 20.56
CA LYS A 63 13.00 -25.52 20.56
C LYS A 63 12.55 -26.41 21.69
N ASN A 64 11.24 -26.61 21.80
N ASN A 64 11.25 -26.67 21.74
CA ASN A 64 10.72 -27.56 22.80
CA ASN A 64 10.69 -27.65 22.68
C ASN A 64 10.66 -28.95 22.16
C ASN A 64 10.26 -28.92 21.95
N ASP A 65 9.93 -29.88 22.76
N ASP A 65 9.98 -29.97 22.73
CA ASP A 65 9.74 -31.21 22.17
CA ASP A 65 9.73 -31.29 22.18
C ASP A 65 8.64 -31.21 21.12
C ASP A 65 8.50 -31.36 21.29
N THR A 66 7.66 -30.33 21.26
CA THR A 66 6.51 -30.31 20.36
C THR A 66 6.83 -29.72 18.98
N GLY A 67 8.04 -29.18 18.79
CA GLY A 67 8.38 -28.50 17.55
C GLY A 67 8.23 -27.00 17.60
N MET A 68 7.86 -26.44 18.74
CA MET A 68 7.69 -25.01 18.85
C MET A 68 9.01 -24.37 19.29
N PHE A 69 9.48 -23.43 18.49
CA PHE A 69 10.58 -22.57 18.87
C PHE A 69 9.98 -21.31 19.49
N SER A 70 10.59 -20.84 20.58
N SER A 70 10.59 -20.85 20.58
N SER A 70 10.61 -20.83 20.56
CA SER A 70 10.11 -19.62 21.19
CA SER A 70 10.10 -19.68 21.29
CA SER A 70 10.10 -19.66 21.26
C SER A 70 11.25 -18.87 21.87
C SER A 70 11.27 -18.87 21.85
C SER A 70 11.24 -18.88 21.90
N ILE A 71 11.02 -17.58 22.05
CA ILE A 71 11.93 -16.74 22.82
C ILE A 71 11.10 -15.61 23.40
N THR A 72 11.45 -15.20 24.60
CA THR A 72 10.89 -14.01 25.22
C THR A 72 12.02 -13.03 25.47
N VAL A 73 11.85 -11.79 25.01
CA VAL A 73 12.85 -10.76 25.14
C VAL A 73 12.27 -9.60 25.94
N GLY A 74 13.16 -8.75 26.44
CA GLY A 74 12.75 -7.52 27.08
C GLY A 74 12.82 -7.60 28.59
N PRO A 75 12.17 -6.66 29.30
CA PRO A 75 11.26 -5.63 28.77
C PRO A 75 11.90 -4.72 27.75
N LEU A 76 11.11 -4.35 26.75
CA LEU A 76 11.51 -3.39 25.73
C LEU A 76 10.95 -2.02 26.03
N LYS A 77 11.74 -0.99 25.76
CA LYS A 77 11.26 0.38 25.87
C LYS A 77 10.20 0.65 24.80
N PRO A 78 9.28 1.58 25.06
CA PRO A 78 8.29 1.92 24.02
C PRO A 78 8.98 2.39 22.75
N GLU A 79 8.58 1.80 21.63
CA GLU A 79 9.13 2.08 20.32
C GLU A 79 8.42 1.14 19.34
N LEU A 80 8.63 1.42 18.06
CA LEU A 80 8.33 0.48 16.99
C LEU A 80 9.61 -0.31 16.72
N TYR A 81 9.49 -1.64 16.72
CA TYR A 81 10.62 -2.53 16.47
C TYR A 81 10.32 -3.43 15.28
N ALA A 82 11.24 -3.47 14.34
CA ALA A 82 11.18 -4.40 13.23
C ALA A 82 12.01 -5.64 13.53
N TYR A 83 11.63 -6.75 12.90
CA TYR A 83 12.34 -8.00 13.11
C TYR A 83 12.05 -8.96 11.97
N ASN A 84 12.84 -10.02 11.94
CA ASN A 84 12.56 -11.20 11.14
C ASN A 84 13.24 -12.38 11.81
N PHE A 85 12.91 -13.58 11.33
CA PHE A 85 13.59 -14.79 11.76
C PHE A 85 14.61 -15.20 10.72
N THR A 86 15.46 -16.15 11.12
CA THR A 86 16.32 -16.88 10.19
C THR A 86 16.16 -18.35 10.55
N VAL A 87 15.74 -19.14 9.57
CA VAL A 87 15.47 -20.56 9.76
C VAL A 87 16.54 -21.30 9.00
N ASP A 88 17.42 -21.99 9.71
CA ASP A 88 18.47 -22.76 9.08
C ASP A 88 19.15 -21.97 7.97
N GLY A 89 19.44 -20.71 8.28
CA GLY A 89 20.18 -19.85 7.39
C GLY A 89 19.37 -19.05 6.39
N VAL A 90 18.05 -19.23 6.34
CA VAL A 90 17.20 -18.53 5.39
C VAL A 90 16.31 -17.53 6.12
N LYS A 91 16.30 -16.29 5.65
CA LYS A 91 15.39 -15.31 6.21
C LYS A 91 13.95 -15.77 6.11
N ALA A 92 13.19 -15.57 7.18
CA ALA A 92 11.76 -15.87 7.17
C ALA A 92 11.04 -14.82 8.00
N LEU A 93 9.93 -14.31 7.47
CA LEU A 93 9.08 -13.44 8.23
C LEU A 93 8.20 -14.26 9.18
N ASP A 94 7.51 -13.54 10.05
CA ASP A 94 6.61 -14.10 11.04
C ASP A 94 5.24 -14.19 10.38
N ALA A 95 4.85 -15.40 9.99
CA ALA A 95 3.59 -15.59 9.30
C ALA A 95 2.39 -15.30 10.17
N ASN A 96 2.56 -15.20 11.49
CA ASN A 96 1.47 -14.89 12.40
C ASN A 96 1.38 -13.42 12.76
N ASN A 97 2.20 -12.58 12.14
CA ASN A 97 2.16 -11.15 12.38
C ASN A 97 1.84 -10.44 11.07
N VAL A 98 0.65 -9.86 10.99
CA VAL A 98 0.22 -9.19 9.78
C VAL A 98 0.97 -7.89 9.51
N GLN A 99 1.66 -7.35 10.50
CA GLN A 99 2.38 -6.08 10.34
C GLN A 99 3.72 -6.34 9.65
N VAL A 100 3.84 -5.80 8.44
CA VAL A 100 5.00 -5.96 7.57
C VAL A 100 5.32 -4.60 6.97
N ARG A 101 6.59 -4.21 7.04
CA ARG A 101 7.07 -2.99 6.41
C ARG A 101 8.05 -3.35 5.31
N ARG A 102 8.33 -2.36 4.47
CA ARG A 102 9.28 -2.51 3.37
C ARG A 102 10.24 -1.35 3.36
N ASP A 103 11.53 -1.66 3.37
CA ASP A 103 12.61 -0.69 3.23
C ASP A 103 13.33 -1.04 1.93
N GLY A 104 12.93 -0.42 0.82
CA GLY A 104 13.52 -0.75 -0.46
C GLY A 104 13.14 -2.15 -0.86
N THR A 105 14.10 -3.09 -0.82
CA THR A 105 13.82 -4.48 -1.06
C THR A 105 13.76 -5.31 0.21
N ASN A 106 13.94 -4.69 1.39
N ASN A 106 13.99 -4.70 1.36
CA ASN A 106 14.07 -5.40 2.66
CA ASN A 106 14.04 -5.41 2.62
C ASN A 106 12.74 -5.38 3.40
C ASN A 106 12.67 -5.35 3.28
N TYR A 107 12.04 -6.51 3.42
CA TYR A 107 10.79 -6.63 4.15
C TYR A 107 11.06 -7.17 5.54
N GLN A 108 10.39 -6.61 6.54
CA GLN A 108 10.48 -7.08 7.91
C GLN A 108 9.13 -6.94 8.58
N ASN A 109 8.88 -7.78 9.58
CA ASN A 109 7.73 -7.56 10.43
C ASN A 109 8.02 -6.42 11.39
N PHE A 110 6.98 -5.93 12.06
CA PHE A 110 7.17 -5.00 13.15
C PHE A 110 6.07 -5.14 14.18
N PHE A 111 6.30 -4.50 15.31
CA PHE A 111 5.30 -4.33 16.34
C PHE A 111 5.65 -3.05 17.08
N ILE A 112 4.69 -2.54 17.86
CA ILE A 112 4.88 -1.30 18.57
C ILE A 112 4.58 -1.54 20.04
N ILE A 113 5.58 -1.32 20.89
CA ILE A 113 5.41 -1.40 22.34
C ILE A 113 4.77 -0.10 22.78
N PRO A 114 3.58 -0.13 23.38
N PRO A 114 3.63 -0.15 23.47
CA PRO A 114 2.93 1.12 23.79
CA PRO A 114 2.95 1.09 23.82
C PRO A 114 3.70 1.84 24.88
C PRO A 114 3.65 1.84 24.95
N GLY A 115 3.57 3.15 24.87
CA GLY A 115 4.13 3.99 25.89
C GLY A 115 4.32 5.37 25.35
N PRO A 116 4.86 6.26 26.18
CA PRO A 116 4.97 7.67 25.77
C PRO A 116 5.74 7.85 24.47
N GLU A 117 6.85 7.13 24.30
CA GLU A 117 7.74 7.39 23.18
C GLU A 117 7.19 6.88 21.86
N SER A 118 6.25 5.95 21.88
CA SER A 118 5.74 5.34 20.65
C SER A 118 4.32 5.75 20.32
N ASP A 119 3.68 6.54 21.19
CA ASP A 119 2.24 6.71 21.07
C ASP A 119 1.85 7.31 19.72
N LEU A 120 2.67 8.19 19.15
CA LEU A 120 2.34 8.82 17.88
C LEU A 120 2.37 7.83 16.72
N TYR A 121 2.95 6.65 16.90
CA TYR A 121 3.15 5.73 15.79
C TYR A 121 1.97 4.80 15.57
N PHE A 122 1.03 4.77 16.49
CA PHE A 122 -0.14 3.90 16.38
C PHE A 122 -1.18 4.50 15.46
N HIS A 123 -1.84 3.62 14.73
CA HIS A 123 -3.07 3.98 14.02
C HIS A 123 -4.21 3.81 15.01
N LYS A 124 -4.79 4.93 15.44
N LYS A 124 -4.78 4.92 15.46
CA LYS A 124 -5.78 4.92 16.50
CA LYS A 124 -5.78 4.92 16.51
C LYS A 124 -7.19 5.03 15.92
C LYS A 124 -7.18 5.02 15.92
N ASN A 125 -8.09 4.17 16.39
CA ASN A 125 -9.45 4.20 15.85
C ASN A 125 -10.24 5.41 16.34
N ASN A 126 -9.78 6.12 17.36
CA ASN A 126 -10.52 7.28 17.84
C ASN A 126 -9.96 8.61 17.33
N VAL A 127 -9.21 8.59 16.24
CA VAL A 127 -8.54 9.77 15.69
C VAL A 127 -8.98 9.94 14.24
N PRO A 128 -9.38 11.14 13.80
CA PRO A 128 -9.68 11.33 12.38
C PRO A 128 -8.45 11.11 11.52
N HIS A 129 -8.64 10.49 10.36
CA HIS A 129 -7.51 10.07 9.53
C HIS A 129 -7.44 10.83 8.22
N GLY A 130 -6.24 11.31 7.92
CA GLY A 130 -6.00 11.97 6.67
C GLY A 130 -5.85 11.00 5.51
N THR A 131 -6.14 11.49 4.33
CA THR A 131 -6.01 10.73 3.10
C THR A 131 -4.56 10.61 2.69
N VAL A 132 -4.21 9.45 2.13
CA VAL A 132 -2.93 9.25 1.45
C VAL A 132 -3.23 8.99 -0.01
N THR A 133 -2.70 9.85 -0.87
CA THR A 133 -2.95 9.82 -2.30
C THR A 133 -1.65 9.48 -3.03
N LYS A 134 -1.70 8.46 -3.88
CA LYS A 134 -0.56 8.03 -4.70
C LYS A 134 -0.83 8.59 -6.08
N VAL A 135 -0.19 9.70 -6.41
CA VAL A 135 -0.53 10.50 -7.58
C VAL A 135 0.68 10.64 -8.49
N TRP A 136 0.41 10.55 -9.80
CA TRP A 136 1.42 10.73 -10.83
C TRP A 136 1.38 12.14 -11.40
N TYR A 137 2.53 12.60 -11.84
CA TYR A 137 2.65 13.94 -12.38
C TYR A 137 3.70 13.93 -13.47
N LYS A 138 3.51 14.81 -14.43
CA LYS A 138 4.50 15.00 -15.48
C LYS A 138 5.70 15.75 -14.92
N SER A 139 6.88 15.41 -15.41
CA SER A 139 8.10 16.12 -15.00
C SER A 139 8.81 16.64 -16.24
N SER A 140 8.70 17.94 -16.46
CA SER A 140 9.44 18.60 -17.52
C SER A 140 10.94 18.42 -17.36
N VAL A 141 11.41 18.39 -16.11
CA VAL A 141 12.84 18.36 -15.86
C VAL A 141 13.40 16.96 -16.09
N ILE A 142 12.74 15.94 -15.56
CA ILE A 142 13.26 14.58 -15.63
C ILE A 142 12.84 13.89 -16.94
N GLY A 143 11.69 14.25 -17.49
CA GLY A 143 11.31 13.80 -18.82
C GLY A 143 10.35 12.62 -18.86
N PHE A 144 9.85 12.17 -17.73
CA PHE A 144 8.86 11.10 -17.68
C PHE A 144 8.02 11.31 -16.44
N ASP A 145 6.84 10.70 -16.44
N ASP A 145 6.83 10.72 -16.46
CA ASP A 145 5.90 10.87 -15.33
CA ASP A 145 5.91 10.84 -15.33
C ASP A 145 6.39 10.10 -14.11
C ASP A 145 6.47 10.13 -14.11
N ARG A 146 6.16 10.66 -12.93
CA ARG A 146 6.64 10.09 -11.69
C ARG A 146 5.53 10.07 -10.66
N ARG A 147 5.70 9.25 -9.64
CA ARG A 147 4.71 9.07 -8.60
C ARG A 147 5.20 9.67 -7.29
N MET A 148 4.28 10.30 -6.57
CA MET A 148 4.55 10.76 -5.22
C MET A 148 3.37 10.39 -4.34
N TYR A 149 3.59 10.42 -3.03
CA TYR A 149 2.53 10.24 -2.06
C TYR A 149 2.22 11.59 -1.43
N VAL A 150 0.94 11.91 -1.32
CA VAL A 150 0.50 13.15 -0.71
C VAL A 150 -0.46 12.82 0.43
N TYR A 151 -0.13 13.26 1.62
CA TYR A 151 -1.00 13.19 2.78
C TYR A 151 -1.76 14.50 2.88
N THR A 152 -3.08 14.43 3.02
CA THR A 152 -3.87 15.60 3.31
C THR A 152 -4.49 15.40 4.69
N PRO A 153 -4.71 16.48 5.43
CA PRO A 153 -5.18 16.33 6.80
C PRO A 153 -6.61 15.83 6.86
N ALA A 154 -6.96 15.25 7.99
CA ALA A 154 -8.32 14.78 8.18
C ALA A 154 -9.27 15.95 8.00
N GLY A 155 -10.37 15.70 7.31
CA GLY A 155 -11.34 16.75 7.03
C GLY A 155 -11.00 17.62 5.85
N TYR A 156 -9.91 17.33 5.13
CA TYR A 156 -9.65 18.04 3.87
C TYR A 156 -10.83 17.91 2.94
N GLU A 157 -11.34 16.70 2.79
CA GLU A 157 -12.45 16.46 1.90
C GLU A 157 -13.71 17.11 2.46
N GLY A 158 -14.46 17.74 1.58
CA GLY A 158 -15.77 18.28 1.92
C GLY A 158 -15.77 19.69 2.40
N ASP A 159 -14.64 20.38 2.29
CA ASP A 159 -14.46 21.71 2.83
CA ASP A 159 -14.46 21.72 2.82
C ASP A 159 -13.65 22.51 1.81
N THR A 160 -13.54 23.82 2.05
CA THR A 160 -12.80 24.70 1.16
C THR A 160 -11.52 25.24 1.79
N GLN A 161 -11.21 24.85 3.02
CA GLN A 161 -10.01 25.37 3.67
C GLN A 161 -8.78 24.99 2.87
N ARG A 162 -7.78 25.86 2.91
CA ARG A 162 -6.50 25.62 2.27
C ARG A 162 -5.43 25.45 3.33
N TYR A 163 -4.38 24.70 3.00
CA TYR A 163 -3.42 24.25 3.99
C TYR A 163 -1.99 24.52 3.55
N PRO A 164 -1.10 24.73 4.52
CA PRO A 164 0.32 24.79 4.19
C PRO A 164 0.85 23.42 3.82
N VAL A 165 2.04 23.41 3.21
CA VAL A 165 2.59 22.21 2.60
C VAL A 165 3.99 21.94 3.12
N PHE A 166 4.24 20.69 3.48
CA PHE A 166 5.51 20.19 3.99
C PHE A 166 6.02 19.12 3.02
N TYR A 167 7.13 19.40 2.36
CA TYR A 167 7.80 18.47 1.45
C TYR A 167 8.80 17.64 2.25
N LEU A 168 8.65 16.33 2.22
CA LEU A 168 9.36 15.43 3.11
C LEU A 168 10.07 14.38 2.28
N LEU A 169 11.40 14.38 2.36
CA LEU A 169 12.29 13.70 1.43
C LEU A 169 13.02 12.54 2.10
N HIS A 170 13.11 11.42 1.39
CA HIS A 170 13.78 10.23 1.88
C HIS A 170 15.26 10.23 1.47
N GLY A 171 15.98 9.20 1.89
CA GLY A 171 17.38 9.04 1.55
C GLY A 171 17.64 7.90 0.60
N ALA A 172 18.91 7.59 0.42
CA ALA A 172 19.30 6.60 -0.57
C ALA A 172 18.69 5.26 -0.22
N GLY A 173 18.19 4.57 -1.24
CA GLY A 173 17.53 3.31 -1.06
C GLY A 173 16.04 3.42 -0.88
N GLY A 174 15.54 4.60 -0.56
CA GLY A 174 14.14 4.81 -0.34
C GLY A 174 13.37 5.14 -1.61
N ASP A 175 12.14 5.59 -1.41
CA ASP A 175 11.22 5.90 -2.51
C ASP A 175 10.05 6.63 -1.86
N GLU A 176 9.06 7.00 -2.68
CA GLU A 176 7.95 7.81 -2.24
C GLU A 176 7.05 7.12 -1.22
N ASP A 177 7.16 5.80 -1.06
CA ASP A 177 6.41 5.05 -0.07
C ASP A 177 7.08 5.02 1.31
N ALA A 178 8.37 5.37 1.37
CA ALA A 178 9.16 5.10 2.57
C ALA A 178 8.70 5.89 3.79
N TRP A 179 8.44 7.18 3.64
CA TRP A 179 8.10 7.95 4.83
C TRP A 179 6.79 7.46 5.46
N THR A 180 5.81 7.03 4.67
N THR A 180 5.85 6.99 4.64
CA THR A 180 4.63 6.45 5.30
CA THR A 180 4.61 6.44 5.15
C THR A 180 4.89 5.05 5.82
C THR A 180 4.80 5.04 5.72
N ASN A 181 5.60 4.22 5.05
CA ASN A 181 5.78 2.83 5.42
C ASN A 181 6.77 2.70 6.58
N MET A 182 8.01 3.10 6.35
CA MET A 182 9.06 3.03 7.38
C MET A 182 8.88 4.10 8.44
N GLY A 183 8.43 5.28 8.06
CA GLY A 183 8.40 6.42 8.94
C GLY A 183 7.10 6.67 9.66
N ARG A 184 6.06 5.88 9.39
CA ARG A 184 4.78 6.04 10.06
C ARG A 184 4.22 7.45 9.90
N THR A 185 4.45 8.09 8.76
CA THR A 185 4.06 9.48 8.60
C THR A 185 2.56 9.68 8.74
N ALA A 186 1.74 8.80 8.17
CA ALA A 186 0.30 9.04 8.27
C ALA A 186 -0.17 9.01 9.72
N GLN A 187 0.37 8.08 10.50
CA GLN A 187 0.00 7.99 11.92
C GLN A 187 0.54 9.18 12.70
N ILE A 188 1.82 9.49 12.51
CA ILE A 188 2.41 10.62 13.23
C ILE A 188 1.62 11.89 12.94
N MET A 189 1.34 12.13 11.66
CA MET A 189 0.61 13.35 11.31
C MET A 189 -0.82 13.31 11.80
N ASP A 190 -1.52 12.18 11.63
CA ASP A 190 -2.88 12.11 12.14
C ASP A 190 -2.92 12.42 13.61
N ASN A 191 -1.97 11.85 14.36
CA ASN A 191 -1.98 12.00 15.80
C ASN A 191 -1.54 13.39 16.22
N LEU A 192 -0.48 13.93 15.62
CA LEU A 192 -0.06 15.27 15.99
C LEU A 192 -1.14 16.29 15.67
N ILE A 193 -1.79 16.16 14.51
CA ILE A 193 -2.81 17.12 14.13
C ILE A 193 -4.01 17.00 15.06
N ALA A 194 -4.46 15.77 15.32
CA ALA A 194 -5.61 15.58 16.19
C ALA A 194 -5.31 16.07 17.60
N GLN A 195 -4.07 15.93 18.04
CA GLN A 195 -3.69 16.38 19.37
C GLN A 195 -3.49 17.89 19.45
N GLY A 196 -3.61 18.60 18.33
CA GLY A 196 -3.39 20.03 18.34
C GLY A 196 -1.93 20.41 18.43
N LYS A 197 -1.02 19.46 18.25
CA LYS A 197 0.40 19.74 18.37
C LYS A 197 1.02 20.23 17.07
N ALA A 198 0.48 19.84 15.93
CA ALA A 198 0.91 20.35 14.64
C ALA A 198 -0.32 20.90 13.92
N LYS A 199 -0.10 21.94 13.13
CA LYS A 199 -1.18 22.49 12.33
C LYS A 199 -1.57 21.49 11.26
N PRO A 200 -2.85 21.45 10.90
N PRO A 200 -2.84 21.46 10.88
CA PRO A 200 -3.21 20.69 9.70
CA PRO A 200 -3.19 20.62 9.72
C PRO A 200 -2.37 21.13 8.52
C PRO A 200 -2.46 21.11 8.48
N MET A 201 -1.85 20.17 7.77
CA MET A 201 -0.94 20.47 6.69
C MET A 201 -0.95 19.32 5.71
N ILE A 202 -0.59 19.65 4.47
CA ILE A 202 -0.37 18.68 3.42
C ILE A 202 1.08 18.24 3.50
N VAL A 203 1.33 16.93 3.40
CA VAL A 203 2.69 16.40 3.43
C VAL A 203 2.95 15.69 2.12
N VAL A 204 3.98 16.12 1.40
CA VAL A 204 4.30 15.65 0.06
C VAL A 204 5.58 14.84 0.13
N MET A 205 5.50 13.57 -0.24
CA MET A 205 6.61 12.62 -0.13
C MET A 205 6.98 12.17 -1.54
N THR A 206 8.05 12.74 -2.06
CA THR A 206 8.52 12.47 -3.40
C THR A 206 9.43 11.26 -3.44
N ASN A 207 9.63 10.75 -4.66
CA ASN A 207 10.68 9.80 -4.95
C ASN A 207 11.90 10.63 -5.33
N GLY A 208 12.94 10.51 -4.52
CA GLY A 208 14.16 11.30 -4.65
C GLY A 208 15.20 10.73 -5.56
N ASN A 209 14.90 9.66 -6.30
CA ASN A 209 15.82 8.98 -7.18
C ASN A 209 15.45 9.35 -8.61
N ALA A 210 16.18 10.29 -9.19
CA ALA A 210 15.75 10.88 -10.45
C ALA A 210 15.72 9.90 -11.60
N ASN A 211 16.40 8.76 -11.47
CA ASN A 211 16.36 7.72 -12.49
C ASN A 211 15.12 6.84 -12.39
N GLN A 212 14.33 6.97 -11.33
CA GLN A 212 13.14 6.14 -11.10
C GLN A 212 11.89 6.93 -11.39
N ALA A 213 10.86 6.23 -11.84
CA ALA A 213 9.52 6.80 -11.94
C ALA A 213 8.71 6.60 -10.66
N GLY A 214 9.02 5.58 -9.88
CA GLY A 214 8.28 5.29 -8.67
C GLY A 214 8.94 4.13 -7.95
N ALA A 215 8.30 3.71 -6.87
CA ALA A 215 8.87 2.73 -5.96
C ALA A 215 9.06 1.39 -6.64
N GLN A 216 10.23 0.78 -6.41
CA GLN A 216 10.63 -0.42 -7.13
C GLN A 216 9.75 -1.63 -6.85
N ASN A 217 8.98 -1.66 -5.76
CA ASN A 217 8.10 -2.81 -5.54
C ASN A 217 6.87 -2.77 -6.43
N GLU A 218 6.58 -1.63 -7.06
CA GLU A 218 5.40 -1.47 -7.90
CA GLU A 218 5.41 -1.49 -7.90
C GLU A 218 5.71 -1.00 -9.30
N VAL A 219 6.83 -0.34 -9.52
CA VAL A 219 7.11 0.34 -10.77
C VAL A 219 8.44 -0.15 -11.32
N PRO A 220 8.51 -0.62 -12.56
CA PRO A 220 9.76 -1.15 -13.08
C PRO A 220 10.72 -0.04 -13.43
N PRO A 221 11.99 -0.38 -13.64
CA PRO A 221 12.96 0.63 -14.07
C PRO A 221 12.52 1.30 -15.37
N VAL A 222 12.89 2.56 -15.51
CA VAL A 222 12.49 3.34 -16.67
C VAL A 222 13.39 2.99 -17.85
N PRO A 223 12.83 2.74 -19.04
CA PRO A 223 13.69 2.47 -20.20
C PRO A 223 14.42 3.72 -20.63
N VAL A 224 15.67 3.54 -21.06
CA VAL A 224 16.50 4.66 -21.47
C VAL A 224 17.28 4.34 -22.74
N MET A 237 19.92 12.53 -13.43
CA MET A 237 21.31 12.84 -13.15
C MET A 237 21.47 13.95 -12.11
N THR A 238 22.69 14.46 -11.97
CA THR A 238 23.02 15.38 -10.89
C THR A 238 22.13 16.62 -10.95
N GLY A 239 21.51 16.94 -9.82
CA GLY A 239 20.70 18.12 -9.70
C GLY A 239 19.29 18.00 -10.25
N LYS A 240 18.95 16.93 -10.96
CA LYS A 240 17.65 16.87 -11.62
C LYS A 240 16.53 16.70 -10.62
N PHE A 241 16.70 15.87 -9.58
CA PHE A 241 15.64 15.75 -8.60
C PHE A 241 15.32 17.12 -7.99
N GLU A 242 16.38 17.84 -7.60
CA GLU A 242 16.21 19.11 -6.91
C GLU A 242 15.51 20.12 -7.80
N GLU A 243 15.95 20.21 -9.06
CA GLU A 243 15.32 21.12 -10.00
C GLU A 243 13.87 20.75 -10.23
N HIS A 244 13.59 19.45 -10.36
CA HIS A 244 12.23 19.00 -10.61
C HIS A 244 11.33 19.26 -9.41
N LEU A 245 11.86 19.23 -8.19
N LEU A 245 11.89 19.25 -8.20
CA LEU A 245 10.97 19.49 -7.06
CA LEU A 245 11.08 19.51 -7.01
C LEU A 245 10.41 20.90 -7.17
C LEU A 245 10.48 20.91 -7.08
N VAL A 246 11.28 21.85 -7.50
N VAL A 246 11.26 21.89 -7.51
CA VAL A 246 10.88 23.25 -7.56
CA VAL A 246 10.76 23.26 -7.53
C VAL A 246 10.04 23.53 -8.80
C VAL A 246 9.99 23.55 -8.82
N LYS A 247 10.42 22.99 -9.95
CA LYS A 247 9.80 23.35 -11.22
C LYS A 247 8.59 22.49 -11.56
N ASP A 248 8.54 21.25 -11.07
CA ASP A 248 7.48 20.31 -11.42
C ASP A 248 6.60 19.96 -10.24
N VAL A 249 7.18 19.58 -9.10
CA VAL A 249 6.38 19.10 -7.99
C VAL A 249 5.60 20.24 -7.33
N VAL A 250 6.28 21.31 -6.94
CA VAL A 250 5.59 22.38 -6.23
C VAL A 250 4.44 22.95 -7.05
N PRO A 251 4.62 23.26 -8.34
CA PRO A 251 3.47 23.77 -9.10
C PRO A 251 2.33 22.77 -9.19
N PHE A 252 2.65 21.48 -9.32
CA PHE A 252 1.59 20.48 -9.40
C PHE A 252 0.79 20.44 -8.11
N ILE A 253 1.48 20.47 -6.97
CA ILE A 253 0.79 20.45 -5.69
C ILE A 253 -0.09 21.68 -5.55
N GLU A 254 0.42 22.85 -5.89
CA GLU A 254 -0.33 24.07 -5.68
C GLU A 254 -1.52 24.18 -6.63
N LYS A 255 -1.44 23.53 -7.80
N LYS A 255 -1.43 23.57 -7.81
CA LYS A 255 -2.53 23.57 -8.76
CA LYS A 255 -2.54 23.57 -8.74
C LYS A 255 -3.60 22.52 -8.46
C LYS A 255 -3.62 22.57 -8.34
N ASN A 256 -3.22 21.38 -7.88
CA ASN A 256 -4.13 20.25 -7.76
C ASN A 256 -4.56 19.94 -6.34
N PHE A 257 -4.01 20.63 -5.37
CA PHE A 257 -4.44 20.51 -3.98
C PHE A 257 -4.76 21.90 -3.46
N ARG A 258 -5.56 21.95 -2.40
CA ARG A 258 -5.96 23.21 -1.79
C ARG A 258 -4.84 23.68 -0.86
N ALA A 259 -3.78 24.17 -1.51
CA ALA A 259 -2.55 24.56 -0.83
C ALA A 259 -2.47 26.07 -0.69
N LEU A 260 -2.13 26.52 0.51
CA LEU A 260 -1.62 27.87 0.68
C LEU A 260 -0.29 27.96 -0.02
N THR A 261 0.07 29.17 -0.44
CA THR A 261 1.32 29.38 -1.14
C THR A 261 2.20 30.32 -0.35
N GLY A 262 3.45 30.43 -0.80
CA GLY A 262 4.41 31.33 -0.21
C GLY A 262 5.29 30.65 0.83
N LYS A 263 6.45 31.27 1.05
CA LYS A 263 7.49 30.65 1.85
C LYS A 263 7.01 30.29 3.26
N ASP A 264 6.21 31.15 3.89
CA ASP A 264 5.82 30.86 5.26
C ASP A 264 4.80 29.74 5.34
N ASN A 265 4.29 29.30 4.20
CA ASN A 265 3.41 28.15 4.10
C ASN A 265 4.09 26.96 3.46
N ARG A 266 5.42 26.91 3.47
N ARG A 266 5.42 26.98 3.34
CA ARG A 266 6.15 25.88 2.76
CA ARG A 266 6.18 25.86 2.80
C ARG A 266 7.34 25.42 3.60
C ARG A 266 7.25 25.44 3.77
N ALA A 267 7.34 24.13 3.97
CA ALA A 267 8.39 23.52 4.73
C ALA A 267 9.02 22.42 3.89
N ILE A 268 10.29 22.14 4.17
CA ILE A 268 10.99 21.05 3.48
C ILE A 268 11.95 20.43 4.47
N ALA A 269 11.99 19.10 4.49
CA ALA A 269 12.96 18.38 5.31
C ALA A 269 13.31 17.09 4.60
N GLY A 270 14.48 16.56 4.92
CA GLY A 270 14.87 15.28 4.36
C GLY A 270 15.95 14.65 5.18
N LEU A 271 16.08 13.34 5.04
CA LEU A 271 17.08 12.56 5.74
C LEU A 271 18.20 12.14 4.80
N SER A 272 19.44 12.24 5.30
CA SER A 272 20.63 11.78 4.59
C SER A 272 20.66 12.38 3.19
N MET A 273 20.67 11.57 2.12
CA MET A 273 20.63 12.13 0.77
C MET A 273 19.56 13.20 0.64
N GLY A 274 18.38 12.95 1.21
CA GLY A 274 17.30 13.91 1.14
C GLY A 274 17.55 15.17 1.95
N GLY A 275 18.36 15.07 3.00
CA GLY A 275 18.84 16.27 3.68
C GLY A 275 19.82 17.06 2.85
N GLY A 276 20.58 16.38 1.99
CA GLY A 276 21.38 17.07 1.00
C GLY A 276 20.50 17.75 -0.03
N HIS A 277 19.48 17.03 -0.53
CA HIS A 277 18.53 17.63 -1.46
C HIS A 277 17.91 18.87 -0.84
N THR A 278 17.54 18.78 0.44
CA THR A 278 16.93 19.92 1.12
C THR A 278 17.85 21.13 1.11
N GLN A 279 19.13 20.91 1.41
CA GLN A 279 20.08 22.01 1.37
C GLN A 279 20.21 22.58 -0.05
N THR A 280 20.39 21.72 -1.04
CA THR A 280 20.54 22.21 -2.42
C THR A 280 19.33 23.01 -2.84
N ILE A 281 18.13 22.49 -2.58
CA ILE A 281 16.91 23.16 -3.00
C ILE A 281 16.79 24.52 -2.34
N THR A 282 17.01 24.60 -1.02
CA THR A 282 16.84 25.86 -0.34
C THR A 282 17.96 26.83 -0.64
N ASN A 283 19.20 26.33 -0.74
CA ASN A 283 20.32 27.20 -1.11
C ASN A 283 20.11 27.79 -2.49
N ASP A 284 19.56 27.01 -3.41
CA ASP A 284 19.36 27.48 -4.77
C ASP A 284 18.09 28.30 -4.94
N ASN A 285 17.19 28.25 -3.96
CA ASN A 285 15.90 28.93 -4.05
C ASN A 285 15.63 29.62 -2.72
N PRO A 286 16.46 30.58 -2.35
CA PRO A 286 16.22 31.32 -1.11
C PRO A 286 14.88 32.04 -1.21
N GLY A 287 14.13 32.01 -0.12
CA GLY A 287 12.84 32.65 -0.11
C GLY A 287 11.70 31.78 -0.59
N MET A 288 11.94 30.52 -0.92
N MET A 288 11.95 30.52 -0.91
CA MET A 288 10.88 29.61 -1.31
CA MET A 288 10.87 29.61 -1.30
C MET A 288 10.34 28.81 -0.14
C MET A 288 10.34 28.81 -0.13
N PHE A 289 11.18 28.51 0.86
CA PHE A 289 10.80 27.70 2.01
C PHE A 289 11.22 28.42 3.26
N SER A 290 10.30 28.58 4.21
CA SER A 290 10.65 29.23 5.47
C SER A 290 10.99 28.26 6.59
N TYR A 291 10.64 26.98 6.45
CA TYR A 291 10.89 25.98 7.48
C TYR A 291 11.69 24.88 6.82
N ILE A 292 12.91 24.65 7.33
CA ILE A 292 13.88 23.78 6.67
C ILE A 292 14.42 22.80 7.70
N GLY A 293 14.38 21.50 7.39
CA GLY A 293 14.89 20.49 8.29
C GLY A 293 15.92 19.61 7.63
N VAL A 294 17.05 19.42 8.29
CA VAL A 294 18.14 18.61 7.76
C VAL A 294 18.38 17.48 8.75
N PHE A 295 17.98 16.27 8.38
CA PHE A 295 18.01 15.13 9.27
C PHE A 295 19.20 14.24 8.88
N SER A 296 20.09 13.99 9.84
CA SER A 296 21.19 13.04 9.65
C SER A 296 21.97 13.32 8.37
N MET A 297 22.39 14.57 8.23
CA MET A 297 23.15 14.98 7.06
C MET A 297 23.94 16.22 7.40
N GLY A 298 25.11 16.35 6.78
CA GLY A 298 25.93 17.53 6.96
C GLY A 298 26.24 18.21 5.67
N ILE A 299 27.46 18.76 5.61
CA ILE A 299 27.86 19.59 4.48
C ILE A 299 28.04 18.74 3.24
N MET A 300 27.91 19.39 2.08
CA MET A 300 28.06 18.73 0.79
C MET A 300 29.30 19.25 0.08
N GLU A 313 33.29 26.96 -0.87
CA GLU A 313 33.23 27.73 -2.12
C GLU A 313 32.82 29.17 -1.85
N LYS A 314 33.16 30.05 -2.79
CA LYS A 314 32.59 31.39 -2.77
C LYS A 314 31.10 31.34 -3.09
N GLU A 315 30.69 30.40 -3.94
CA GLU A 315 29.27 30.23 -4.21
C GLU A 315 28.53 29.76 -2.98
N ARG A 316 29.11 28.82 -2.23
CA ARG A 316 28.46 28.34 -1.00
C ARG A 316 28.21 29.51 -0.05
N ASP A 317 29.25 30.32 0.18
CA ASP A 317 29.11 31.44 1.11
C ASP A 317 28.08 32.45 0.61
N ALA A 318 28.09 32.72 -0.70
CA ALA A 318 27.10 33.64 -1.25
C ALA A 318 25.69 33.10 -1.06
N LYS A 319 25.51 31.80 -1.27
CA LYS A 319 24.17 31.23 -1.09
C LYS A 319 23.74 31.25 0.36
N ILE A 320 24.67 31.06 1.30
CA ILE A 320 24.30 31.19 2.71
C ILE A 320 23.85 32.61 3.02
N GLU A 321 24.60 33.60 2.51
CA GLU A 321 24.21 34.99 2.73
C GLU A 321 22.83 35.29 2.17
N ALA A 322 22.53 34.79 0.97
CA ALA A 322 21.21 35.05 0.41
C ALA A 322 20.13 34.33 1.22
N LEU A 323 20.41 33.10 1.66
CA LEU A 323 19.43 32.39 2.47
C LEU A 323 19.26 33.06 3.83
N LYS A 324 20.35 33.58 4.37
CA LYS A 324 20.29 34.26 5.66
C LYS A 324 19.31 35.43 5.62
N LYS A 325 19.23 36.12 4.49
CA LYS A 325 18.40 37.30 4.33
C LYS A 325 17.00 36.98 3.84
N SER A 326 16.64 35.70 3.71
CA SER A 326 15.45 35.27 3.01
C SER A 326 14.19 35.27 3.86
N GLY A 327 14.27 35.66 5.12
CA GLY A 327 13.07 35.68 5.95
C GLY A 327 12.63 34.31 6.41
N TYR A 328 13.52 33.32 6.37
CA TYR A 328 13.14 32.01 6.85
C TYR A 328 12.84 32.08 8.36
N LYS A 329 12.05 31.12 8.81
CA LYS A 329 11.57 31.08 10.18
C LYS A 329 12.23 29.99 11.02
N LEU A 330 12.69 28.91 10.42
CA LEU A 330 13.29 27.81 11.15
C LEU A 330 14.24 27.06 10.25
N TYR A 331 15.45 26.83 10.74
CA TYR A 331 16.41 25.94 10.10
C TYR A 331 16.81 24.96 11.20
N TRP A 332 16.38 23.71 11.07
CA TRP A 332 16.45 22.73 12.14
C TRP A 332 17.32 21.58 11.68
N ILE A 333 18.40 21.33 12.41
CA ILE A 333 19.37 20.29 12.08
C ILE A 333 19.27 19.25 13.19
N ALA A 334 19.03 18.00 12.81
CA ALA A 334 18.89 16.92 13.79
C ALA A 334 19.81 15.79 13.39
N CYS A 335 20.55 15.24 14.35
CA CYS A 335 21.48 14.16 14.04
C CYS A 335 21.74 13.35 15.29
N GLY A 336 21.94 12.05 15.09
CA GLY A 336 22.32 11.18 16.18
C GLY A 336 23.81 11.26 16.47
N LYS A 337 24.15 11.20 17.75
N LYS A 337 24.14 11.20 17.76
CA LYS A 337 25.54 11.35 18.15
CA LYS A 337 25.53 11.31 18.19
C LYS A 337 26.41 10.19 17.67
C LYS A 337 26.39 10.23 17.58
N ASP A 338 25.82 9.05 17.35
CA ASP A 338 26.57 7.89 16.87
C ASP A 338 26.50 7.72 15.36
N ASP A 339 25.91 8.67 14.67
CA ASP A 339 25.84 8.59 13.22
C ASP A 339 27.21 8.89 12.62
N PHE A 340 27.61 8.10 11.62
CA PHE A 340 28.85 8.38 10.91
C PHE A 340 28.90 9.79 10.34
N VAL A 341 27.74 10.39 10.04
CA VAL A 341 27.69 11.73 9.48
C VAL A 341 27.84 12.83 10.52
N TYR A 342 28.03 12.48 11.78
CA TYR A 342 28.03 13.46 12.87
C TYR A 342 29.03 14.59 12.62
N GLN A 343 30.27 14.26 12.28
CA GLN A 343 31.26 15.31 12.10
C GLN A 343 30.90 16.21 10.94
N SER A 344 30.35 15.65 9.87
CA SER A 344 29.94 16.48 8.74
C SER A 344 28.78 17.40 9.12
N ALA A 345 27.88 16.92 9.98
CA ALA A 345 26.81 17.79 10.47
C ALA A 345 27.35 18.90 11.35
N LEU A 346 28.41 18.62 12.12
CA LEU A 346 29.09 19.69 12.85
C LEU A 346 29.69 20.69 11.88
N THR A 347 30.29 20.22 10.79
CA THR A 347 30.82 21.15 9.80
C THR A 347 29.73 22.03 9.22
N LEU A 348 28.55 21.47 8.97
CA LEU A 348 27.41 22.28 8.52
C LEU A 348 27.09 23.35 9.55
N ARG A 349 26.95 22.96 10.82
CA ARG A 349 26.65 23.94 11.86
C ARG A 349 27.73 25.02 11.93
N ASN A 350 29.00 24.63 11.82
CA ASN A 350 30.08 25.61 11.88
C ASN A 350 30.01 26.55 10.70
N THR A 351 29.70 26.02 9.51
CA THR A 351 29.62 26.86 8.32
C THR A 351 28.51 27.89 8.46
N LEU A 352 27.39 27.50 9.08
CA LEU A 352 26.32 28.45 9.34
C LEU A 352 26.72 29.45 10.42
N ASP A 353 27.37 28.97 11.48
CA ASP A 353 27.88 29.88 12.51
C ASP A 353 28.78 30.95 11.91
N LYS A 354 29.64 30.57 10.96
CA LYS A 354 30.56 31.52 10.33
C LYS A 354 29.83 32.72 9.77
N HIS A 355 28.60 32.51 9.30
CA HIS A 355 27.78 33.56 8.73
C HIS A 355 26.79 34.15 9.72
N ASN A 356 26.90 33.76 10.99
CA ASN A 356 25.92 34.17 12.01
C ASN A 356 24.51 33.83 11.54
N PHE A 357 24.38 32.68 10.90
CA PHE A 357 23.11 32.18 10.38
C PHE A 357 22.46 31.36 11.49
N LYS A 358 21.27 31.77 11.91
CA LYS A 358 20.61 31.15 13.05
C LYS A 358 19.93 29.85 12.66
N TYR A 359 20.20 28.81 13.44
CA TYR A 359 19.57 27.50 13.30
C TYR A 359 19.32 26.95 14.69
N VAL A 360 18.59 25.85 14.74
CA VAL A 360 18.36 25.09 15.96
C VAL A 360 18.91 23.69 15.71
N TYR A 361 19.71 23.19 16.65
CA TYR A 361 20.32 21.87 16.55
C TYR A 361 19.71 20.94 17.59
N ARG A 362 19.28 19.77 17.12
CA ARG A 362 18.77 18.69 17.97
C ARG A 362 19.73 17.52 17.83
N GLU A 363 20.50 17.28 18.87
CA GLU A 363 21.35 16.10 18.91
C GLU A 363 20.58 15.01 19.63
N SER A 364 20.57 13.81 19.05
CA SER A 364 19.86 12.71 19.67
C SER A 364 20.82 11.56 19.97
N THR A 365 20.31 10.62 20.76
CA THR A 365 21.00 9.36 20.87
C THR A 365 20.93 8.60 19.56
N GLY A 366 21.77 7.59 19.44
CA GLY A 366 21.69 6.66 18.34
C GLY A 366 22.29 7.18 17.06
N GLY A 367 21.93 6.51 15.97
CA GLY A 367 22.60 6.69 14.69
C GLY A 367 21.65 6.91 13.54
N HIS A 368 21.99 6.26 12.44
CA HIS A 368 21.39 6.52 11.12
C HIS A 368 20.22 5.56 10.93
N THR A 369 19.12 5.85 11.60
CA THR A 369 18.02 4.90 11.71
C THR A 369 16.67 5.55 11.49
N TRP A 370 15.73 4.73 11.01
CA TRP A 370 14.34 5.15 10.91
C TRP A 370 13.76 5.48 12.28
N ALA A 371 14.23 4.85 13.36
CA ALA A 371 13.77 5.25 14.68
C ALA A 371 14.06 6.72 14.92
N ASN A 372 15.28 7.15 14.59
CA ASN A 372 15.60 8.57 14.74
C ASN A 372 14.80 9.42 13.76
N TRP A 373 14.62 8.98 12.52
CA TRP A 373 13.90 9.82 11.57
C TRP A 373 12.43 9.99 11.97
N ARG A 374 11.82 8.96 12.56
CA ARG A 374 10.48 9.13 13.10
C ARG A 374 10.47 10.16 14.22
N ILE A 375 11.45 10.10 15.13
CA ILE A 375 11.53 11.07 16.20
C ILE A 375 11.67 12.47 15.61
N TYR A 376 12.54 12.62 14.61
CA TYR A 376 12.77 13.94 14.06
C TYR A 376 11.51 14.50 13.41
N LEU A 377 10.79 13.67 12.63
CA LEU A 377 9.52 14.13 12.08
C LEU A 377 8.56 14.54 13.18
N SER A 378 8.50 13.72 14.24
N SER A 378 8.48 13.74 14.24
CA SER A 378 7.58 13.96 15.33
CA SER A 378 7.53 14.01 15.30
C SER A 378 7.85 15.31 15.99
C SER A 378 7.86 15.29 16.06
N GLU A 379 9.12 15.70 16.07
CA GLU A 379 9.50 16.95 16.71
C GLU A 379 9.46 18.14 15.77
N PHE A 380 9.76 17.93 14.49
CA PHE A 380 9.81 19.02 13.52
C PHE A 380 8.41 19.46 13.10
N ALA A 381 7.50 18.51 12.85
CA ALA A 381 6.18 18.90 12.37
C ALA A 381 5.47 19.87 13.30
N PRO A 382 5.52 19.72 14.63
CA PRO A 382 4.89 20.71 15.52
C PRO A 382 5.46 22.10 15.43
N MET A 383 6.66 22.26 14.88
CA MET A 383 7.28 23.58 14.78
C MET A 383 6.80 24.34 13.56
N LEU A 384 6.14 23.68 12.63
CA LEU A 384 5.94 24.26 11.31
C LEU A 384 4.77 25.22 11.28
N PHE A 385 4.95 26.30 10.51
CA PHE A 385 3.89 27.22 10.14
C PHE A 385 3.42 28.01 11.33
N LYS A 386 4.33 28.16 12.28
CA LYS A 386 4.15 28.96 13.46
C LYS A 386 5.22 30.03 13.50
N LEU A 387 4.88 31.15 14.12
CA LEU A 387 5.82 32.25 14.30
C LEU A 387 6.19 32.35 15.77
N LEU A 388 7.36 32.92 16.03
CA LEU A 388 7.84 33.23 17.38
C LEU A 388 9.34 33.47 17.39
N ALA B 20 27.47 -12.70 -3.92
CA ALA B 20 27.00 -12.71 -5.30
C ALA B 20 25.49 -12.50 -5.36
N ARG B 21 25.04 -11.75 -6.37
CA ARG B 21 23.62 -11.50 -6.54
C ARG B 21 22.92 -12.79 -6.97
N ILE B 22 21.76 -13.04 -6.37
CA ILE B 22 20.94 -14.20 -6.71
C ILE B 22 19.69 -13.69 -7.41
N ILE B 23 19.42 -14.19 -8.61
CA ILE B 23 18.20 -13.85 -9.33
C ILE B 23 17.14 -14.89 -8.99
N SER B 24 16.03 -14.43 -8.42
CA SER B 24 14.89 -15.29 -8.20
C SER B 24 13.65 -14.43 -8.09
N PRO B 25 12.59 -14.71 -8.86
CA PRO B 25 12.53 -15.71 -9.92
C PRO B 25 13.24 -15.20 -11.15
N GLU B 26 13.83 -16.11 -11.91
N GLU B 26 13.79 -16.13 -11.94
CA GLU B 26 14.42 -15.78 -13.19
CA GLU B 26 14.44 -15.81 -13.20
C GLU B 26 13.47 -16.31 -14.26
C GLU B 26 13.52 -16.32 -14.31
N ILE B 27 12.77 -15.41 -14.93
CA ILE B 27 11.87 -15.77 -16.00
C ILE B 27 12.69 -15.91 -17.26
N MET B 28 12.69 -17.07 -17.84
N MET B 28 12.70 -17.11 -17.83
CA MET B 28 13.53 -17.38 -18.98
CA MET B 28 13.51 -17.43 -18.99
C MET B 28 12.79 -17.06 -20.27
C MET B 28 12.81 -16.96 -20.25
N PRO B 29 13.52 -16.96 -21.38
CA PRO B 29 12.85 -16.57 -22.64
C PRO B 29 11.78 -17.54 -23.11
N ASP B 30 11.79 -18.79 -22.64
CA ASP B 30 10.77 -19.77 -23.01
C ASP B 30 9.66 -19.88 -21.98
N ASN B 31 9.60 -18.94 -21.05
CA ASN B 31 8.59 -18.89 -20.00
C ASN B 31 8.71 -20.02 -18.99
N LYS B 32 9.84 -20.70 -18.97
CA LYS B 32 10.23 -21.41 -17.76
C LYS B 32 10.68 -20.38 -16.73
N VAL B 33 10.61 -20.77 -15.46
CA VAL B 33 10.98 -19.88 -14.37
C VAL B 33 11.86 -20.64 -13.40
N THR B 34 12.99 -20.04 -13.06
CA THR B 34 13.91 -20.64 -12.09
C THR B 34 13.82 -19.88 -10.78
N PHE B 35 13.71 -20.63 -9.69
CA PHE B 35 13.68 -20.08 -8.34
C PHE B 35 14.92 -20.57 -7.62
N ARG B 36 15.47 -19.72 -6.74
CA ARG B 36 16.71 -20.02 -6.04
C ARG B 36 16.61 -19.58 -4.60
N VAL B 37 17.14 -20.41 -3.70
CA VAL B 37 17.23 -20.12 -2.28
C VAL B 37 18.62 -20.55 -1.84
N TYR B 38 19.36 -19.67 -1.18
CA TYR B 38 20.71 -19.98 -0.73
C TYR B 38 20.73 -20.24 0.77
N SER B 39 21.27 -21.39 1.13
CA SER B 39 21.69 -21.65 2.51
C SER B 39 22.44 -22.95 2.61
N LYS B 40 23.69 -22.89 3.06
CA LYS B 40 24.43 -24.10 3.32
C LYS B 40 23.85 -24.91 4.47
N ASP B 41 23.04 -24.28 5.33
CA ASP B 41 22.57 -24.91 6.55
C ASP B 41 21.16 -25.47 6.45
N ALA B 42 20.46 -25.24 5.36
CA ALA B 42 19.10 -25.76 5.23
C ALA B 42 19.15 -27.16 4.64
N SER B 43 18.16 -27.98 5.01
CA SER B 43 18.07 -29.34 4.52
C SER B 43 17.16 -29.47 3.31
N LYS B 44 15.98 -28.85 3.38
CA LYS B 44 14.95 -29.04 2.38
C LYS B 44 14.25 -27.72 2.12
N VAL B 45 14.07 -27.38 0.85
CA VAL B 45 13.31 -26.21 0.46
C VAL B 45 12.31 -26.67 -0.58
N THR B 46 11.04 -26.35 -0.36
CA THR B 46 10.02 -26.60 -1.37
C THR B 46 9.42 -25.27 -1.82
N ILE B 47 8.65 -25.34 -2.89
CA ILE B 47 7.94 -24.19 -3.42
C ILE B 47 6.48 -24.57 -3.59
N THR B 48 5.61 -23.63 -3.20
CA THR B 48 4.17 -23.68 -3.38
C THR B 48 3.79 -22.55 -4.31
N GLY B 49 3.12 -22.85 -5.42
CA GLY B 49 2.84 -21.82 -6.40
C GLY B 49 1.59 -22.11 -7.19
N GLU B 50 1.05 -21.06 -7.80
CA GLU B 50 -0.27 -21.14 -8.41
C GLU B 50 -0.30 -21.92 -9.72
N TRP B 51 0.86 -22.31 -10.26
CA TRP B 51 0.90 -23.20 -11.42
C TRP B 51 0.71 -24.66 -11.04
N GLN B 52 0.71 -24.97 -9.75
CA GLN B 52 0.64 -26.35 -9.29
C GLN B 52 -0.80 -26.79 -9.18
N THR B 53 -1.03 -28.08 -9.36
CA THR B 53 -2.36 -28.64 -9.22
C THR B 53 -2.49 -29.13 -7.79
N GLY B 54 -3.06 -28.29 -6.93
CA GLY B 54 -3.35 -28.64 -5.55
C GLY B 54 -2.13 -29.06 -4.75
N GLY B 57 0.72 -30.85 -4.92
CA GLY B 57 1.49 -30.40 -6.06
C GLY B 57 2.72 -29.59 -5.68
N VAL B 58 3.03 -29.51 -4.38
CA VAL B 58 4.23 -28.80 -3.94
C VAL B 58 5.47 -29.47 -4.55
N GLU B 59 6.48 -28.66 -4.84
CA GLU B 59 7.66 -29.12 -5.57
C GLU B 59 8.91 -28.87 -4.77
N GLU B 60 9.87 -29.79 -4.85
CA GLU B 60 11.09 -29.70 -4.06
C GLU B 60 12.21 -29.10 -4.89
N LEU B 61 12.91 -28.13 -4.32
CA LEU B 61 14.12 -27.60 -4.94
C LEU B 61 15.27 -28.57 -4.72
N VAL B 62 16.24 -28.53 -5.61
CA VAL B 62 17.41 -29.38 -5.54
C VAL B 62 18.57 -28.56 -4.99
N LYS B 63 19.28 -29.10 -4.01
CA LYS B 63 20.41 -28.41 -3.41
C LYS B 63 21.69 -28.84 -4.13
N ASN B 64 22.49 -27.86 -4.55
CA ASN B 64 23.81 -28.16 -5.11
C ASN B 64 24.83 -28.23 -3.98
N ASP B 65 26.09 -28.50 -4.34
N ASP B 65 26.08 -28.49 -4.34
CA ASP B 65 27.11 -28.70 -3.32
CA ASP B 65 27.12 -28.72 -3.33
C ASP B 65 27.54 -27.42 -2.63
C ASP B 65 27.73 -27.41 -2.79
N THR B 66 27.18 -26.26 -3.15
CA THR B 66 27.63 -24.98 -2.59
C THR B 66 26.54 -24.27 -1.81
N GLY B 67 25.40 -24.92 -1.57
CA GLY B 67 24.35 -24.37 -0.75
C GLY B 67 23.22 -23.70 -1.50
N MET B 68 23.22 -23.74 -2.83
CA MET B 68 22.14 -23.15 -3.60
C MET B 68 21.07 -24.20 -3.88
N PHE B 69 19.84 -23.92 -3.47
CA PHE B 69 18.68 -24.71 -3.85
C PHE B 69 18.05 -24.06 -5.08
N SER B 70 17.62 -24.88 -6.02
CA SER B 70 17.00 -24.32 -7.21
C SER B 70 15.96 -25.28 -7.78
N ILE B 71 15.03 -24.70 -8.54
CA ILE B 71 14.08 -25.47 -9.34
C ILE B 71 13.72 -24.61 -10.54
N THR B 72 13.51 -25.27 -11.67
CA THR B 72 12.98 -24.62 -12.86
C THR B 72 11.64 -25.27 -13.18
N VAL B 73 10.60 -24.46 -13.32
CA VAL B 73 9.27 -24.94 -13.65
C VAL B 73 8.86 -24.37 -14.99
N GLY B 74 7.85 -25.01 -15.59
CA GLY B 74 7.24 -24.51 -16.79
C GLY B 74 7.68 -25.28 -18.02
N PRO B 75 7.45 -24.71 -19.20
CA PRO B 75 6.94 -23.35 -19.43
C PRO B 75 5.57 -23.08 -18.83
N LEU B 76 5.37 -21.86 -18.36
CA LEU B 76 4.10 -21.44 -17.80
C LEU B 76 3.38 -20.55 -18.81
N LYS B 77 2.06 -20.67 -18.86
CA LYS B 77 1.26 -19.79 -19.69
C LYS B 77 1.30 -18.36 -19.14
N PRO B 78 1.14 -17.36 -19.99
CA PRO B 78 1.10 -15.98 -19.48
C PRO B 78 0.01 -15.80 -18.44
N GLU B 79 0.40 -15.24 -17.30
CA GLU B 79 -0.46 -15.04 -16.15
C GLU B 79 0.40 -14.45 -15.04
N LEU B 80 -0.26 -13.96 -14.00
CA LEU B 80 0.36 -13.63 -12.74
C LEU B 80 0.27 -14.85 -11.85
N TYR B 81 1.41 -15.26 -11.30
CA TYR B 81 1.49 -16.40 -10.41
C TYR B 81 2.06 -15.98 -9.07
N ALA B 82 1.39 -16.38 -8.01
CA ALA B 82 1.90 -16.20 -6.65
C ALA B 82 2.56 -17.48 -6.15
N TYR B 83 3.51 -17.31 -5.24
CA TYR B 83 4.24 -18.44 -4.69
C TYR B 83 4.90 -18.06 -3.38
N ASN B 84 5.36 -19.08 -2.68
CA ASN B 84 6.28 -18.92 -1.55
C ASN B 84 7.09 -20.20 -1.43
N PHE B 85 8.10 -20.16 -0.58
CA PHE B 85 8.88 -21.35 -0.25
C PHE B 85 8.48 -21.89 1.11
N THR B 86 8.95 -23.09 1.40
CA THR B 86 8.95 -23.65 2.74
C THR B 86 10.35 -24.16 2.98
N VAL B 87 11.00 -23.64 4.00
N VAL B 87 11.02 -23.64 4.00
CA VAL B 87 12.38 -23.98 4.33
CA VAL B 87 12.39 -23.99 4.32
C VAL B 87 12.34 -24.75 5.63
C VAL B 87 12.39 -24.74 5.63
N ASP B 88 12.73 -26.03 5.58
CA ASP B 88 12.78 -26.86 6.78
C ASP B 88 11.51 -26.67 7.62
N GLY B 89 10.38 -26.73 6.92
CA GLY B 89 9.07 -26.69 7.54
C GLY B 89 8.52 -25.33 7.86
N VAL B 90 9.20 -24.24 7.52
CA VAL B 90 8.75 -22.88 7.83
C VAL B 90 8.51 -22.13 6.53
N LYS B 91 7.35 -21.49 6.42
CA LYS B 91 7.08 -20.65 5.27
C LYS B 91 8.14 -19.56 5.15
N ALA B 92 8.61 -19.34 3.94
CA ALA B 92 9.53 -18.25 3.69
C ALA B 92 9.24 -17.64 2.34
N LEU B 93 9.20 -16.33 2.30
CA LEU B 93 9.12 -15.62 1.04
C LEU B 93 10.48 -15.63 0.35
N ASP B 94 10.47 -15.18 -0.89
CA ASP B 94 11.65 -15.07 -1.72
C ASP B 94 12.27 -13.71 -1.47
N ALA B 95 13.36 -13.69 -0.71
CA ALA B 95 14.01 -12.45 -0.35
C ALA B 95 14.60 -11.73 -1.54
N ASN B 96 14.74 -12.38 -2.68
CA ASN B 96 15.27 -11.75 -3.87
C ASN B 96 14.20 -11.27 -4.84
N ASN B 97 12.93 -11.38 -4.45
CA ASN B 97 11.82 -10.93 -5.28
C ASN B 97 11.07 -9.83 -4.54
N VAL B 98 11.19 -8.60 -5.05
CA VAL B 98 10.54 -7.46 -4.40
C VAL B 98 9.02 -7.49 -4.54
N GLN B 99 8.49 -8.28 -5.45
CA GLN B 99 7.04 -8.32 -5.68
CA GLN B 99 7.04 -8.32 -5.68
C GLN B 99 6.40 -9.21 -4.63
N VAL B 100 5.58 -8.59 -3.78
CA VAL B 100 4.89 -9.24 -2.68
C VAL B 100 3.47 -8.74 -2.70
N ARG B 101 2.51 -9.65 -2.60
CA ARG B 101 1.09 -9.33 -2.48
C ARG B 101 0.60 -9.78 -1.11
N ARG B 102 -0.56 -9.25 -0.72
CA ARG B 102 -1.21 -9.61 0.53
C ARG B 102 -2.65 -9.97 0.28
N ASP B 103 -3.03 -11.15 0.75
CA ASP B 103 -4.40 -11.64 0.70
C ASP B 103 -4.85 -11.78 2.16
N GLY B 104 -5.44 -10.72 2.72
CA GLY B 104 -5.83 -10.77 4.11
C GLY B 104 -4.60 -10.79 5.00
N THR B 105 -4.33 -11.93 5.63
CA THR B 105 -3.12 -12.14 6.40
C THR B 105 -2.07 -12.96 5.65
N ASN B 106 -2.36 -13.41 4.44
CA ASN B 106 -1.47 -14.31 3.70
CA ASN B 106 -1.47 -14.30 3.71
C ASN B 106 -0.63 -13.51 2.71
N TYR B 107 0.67 -13.41 2.98
CA TYR B 107 1.59 -12.76 2.06
C TYR B 107 2.26 -13.79 1.16
N GLN B 108 2.39 -13.46 -0.12
CA GLN B 108 3.08 -14.31 -1.07
CA GLN B 108 3.07 -14.31 -1.07
C GLN B 108 3.83 -13.42 -2.05
N ASN B 109 4.90 -13.98 -2.62
CA ASN B 109 5.53 -13.33 -3.75
C ASN B 109 4.70 -13.56 -5.00
N PHE B 110 4.99 -12.79 -6.04
CA PHE B 110 4.40 -13.08 -7.33
C PHE B 110 5.34 -12.68 -8.45
N PHE B 111 5.00 -13.12 -9.65
CA PHE B 111 5.65 -12.70 -10.88
C PHE B 111 4.62 -12.79 -11.98
N ILE B 112 4.90 -12.13 -13.08
CA ILE B 112 3.99 -12.11 -14.21
C ILE B 112 4.74 -12.59 -15.44
N ILE B 113 4.28 -13.70 -16.01
CA ILE B 113 4.83 -14.21 -17.26
C ILE B 113 4.25 -13.37 -18.38
N PRO B 114 5.06 -12.68 -19.18
CA PRO B 114 4.51 -11.82 -20.23
CA PRO B 114 4.51 -11.82 -20.23
C PRO B 114 3.84 -12.62 -21.34
N GLY B 115 2.81 -12.02 -21.90
CA GLY B 115 2.13 -12.60 -23.02
C GLY B 115 0.77 -11.98 -23.14
N PRO B 116 0.05 -12.41 -24.16
CA PRO B 116 -1.25 -11.78 -24.42
C PRO B 116 -2.19 -11.80 -23.22
N GLU B 117 -2.26 -12.92 -22.49
CA GLU B 117 -3.25 -13.08 -21.44
C GLU B 117 -2.92 -12.28 -20.18
N SER B 118 -1.67 -11.86 -20.00
CA SER B 118 -1.27 -11.17 -18.79
C SER B 118 -0.95 -9.71 -19.02
N ASP B 119 -0.99 -9.25 -20.27
CA ASP B 119 -0.42 -7.95 -20.58
C ASP B 119 -1.06 -6.81 -19.79
N LEU B 120 -2.37 -6.90 -19.53
CA LEU B 120 -3.03 -5.84 -18.79
C LEU B 120 -2.58 -5.73 -17.35
N TYR B 121 -1.91 -6.75 -16.82
CA TYR B 121 -1.57 -6.78 -15.40
C TYR B 121 -0.27 -6.08 -15.09
N PHE B 122 0.51 -5.71 -16.11
CA PHE B 122 1.78 -5.05 -15.92
C PHE B 122 1.61 -3.57 -15.65
N HIS B 123 2.49 -3.05 -14.81
CA HIS B 123 2.66 -1.62 -14.67
C HIS B 123 3.65 -1.15 -15.74
N LYS B 124 3.16 -0.43 -16.74
CA LYS B 124 3.95 -0.06 -17.90
C LYS B 124 4.42 1.39 -17.79
N ASN B 125 5.69 1.62 -18.08
CA ASN B 125 6.20 2.96 -17.91
C ASN B 125 5.77 3.91 -19.03
N ASN B 126 5.27 3.41 -20.15
CA ASN B 126 4.86 4.32 -21.21
C ASN B 126 3.37 4.64 -21.17
N VAL B 127 2.70 4.34 -20.06
CA VAL B 127 1.25 4.44 -19.95
C VAL B 127 0.94 5.47 -18.88
N PRO B 128 0.07 6.46 -19.15
CA PRO B 128 -0.35 7.38 -18.08
C PRO B 128 -1.04 6.63 -16.95
N HIS B 129 -0.76 7.04 -15.72
CA HIS B 129 -1.22 6.29 -14.55
C HIS B 129 -2.23 7.08 -13.73
N GLY B 130 -3.32 6.40 -13.38
CA GLY B 130 -4.31 6.96 -12.52
C GLY B 130 -3.90 6.96 -11.06
N THR B 131 -4.46 7.91 -10.33
CA THR B 131 -4.22 8.05 -8.90
C THR B 131 -4.99 6.99 -8.13
N VAL B 132 -4.37 6.51 -7.06
CA VAL B 132 -5.04 5.69 -6.07
C VAL B 132 -5.04 6.47 -4.76
N THR B 133 -6.24 6.74 -4.26
CA THR B 133 -6.46 7.54 -3.08
C THR B 133 -7.02 6.66 -1.97
N LYS B 134 -6.37 6.66 -0.81
CA LYS B 134 -6.83 5.93 0.36
C LYS B 134 -7.48 6.95 1.26
N VAL B 135 -8.81 6.98 1.24
CA VAL B 135 -9.58 8.08 1.82
C VAL B 135 -10.54 7.55 2.87
N TRP B 136 -10.67 8.30 3.96
CA TRP B 136 -11.58 7.98 5.05
C TRP B 136 -12.85 8.79 4.91
N TYR B 137 -13.95 8.21 5.38
CA TYR B 137 -15.24 8.86 5.30
C TYR B 137 -16.07 8.47 6.51
N LYS B 138 -16.94 9.38 6.91
CA LYS B 138 -17.88 9.10 7.97
C LYS B 138 -18.98 8.16 7.46
N SER B 139 -19.42 7.27 8.32
CA SER B 139 -20.52 6.38 7.98
C SER B 139 -21.63 6.53 9.01
N SER B 140 -22.71 7.22 8.61
CA SER B 140 -23.90 7.30 9.45
C SER B 140 -24.48 5.94 9.74
N VAL B 141 -24.40 5.02 8.79
CA VAL B 141 -25.04 3.72 8.94
C VAL B 141 -24.24 2.82 9.87
N ILE B 142 -22.92 2.75 9.68
CA ILE B 142 -22.10 1.85 10.48
C ILE B 142 -21.66 2.48 11.80
N GLY B 143 -21.48 3.79 11.85
CA GLY B 143 -21.26 4.49 13.09
C GLY B 143 -19.83 4.81 13.41
N PHE B 144 -18.91 4.59 12.48
CA PHE B 144 -17.53 4.99 12.67
C PHE B 144 -16.93 5.23 11.29
N ASP B 145 -15.82 5.95 11.27
CA ASP B 145 -15.19 6.30 10.00
C ASP B 145 -14.52 5.07 9.41
N ARG B 146 -14.54 4.99 8.09
CA ARG B 146 -14.02 3.83 7.37
C ARG B 146 -13.15 4.30 6.21
N ARG B 147 -12.30 3.41 5.74
CA ARG B 147 -11.37 3.69 4.65
C ARG B 147 -11.79 2.96 3.39
N MET B 148 -11.65 3.63 2.25
CA MET B 148 -11.82 3.02 0.94
C MET B 148 -10.68 3.46 0.04
N TYR B 149 -10.49 2.73 -1.06
CA TYR B 149 -9.55 3.12 -2.09
C TYR B 149 -10.33 3.61 -3.30
N VAL B 150 -9.90 4.73 -3.86
CA VAL B 150 -10.54 5.28 -5.05
C VAL B 150 -9.49 5.45 -6.12
N TYR B 151 -9.72 4.84 -7.27
CA TYR B 151 -8.91 5.04 -8.46
C TYR B 151 -9.57 6.11 -9.31
N THR B 152 -8.78 7.10 -9.71
CA THR B 152 -9.22 8.07 -10.69
C THR B 152 -8.38 7.91 -11.95
N PRO B 153 -8.94 8.19 -13.12
CA PRO B 153 -8.22 7.92 -14.36
C PRO B 153 -7.06 8.90 -14.54
N ALA B 154 -6.12 8.49 -15.37
CA ALA B 154 -5.00 9.35 -15.67
C ALA B 154 -5.50 10.67 -16.21
N GLY B 155 -4.85 11.75 -15.80
CA GLY B 155 -5.25 13.08 -16.21
C GLY B 155 -6.42 13.66 -15.44
N TYR B 156 -6.96 12.95 -14.47
CA TYR B 156 -8.02 13.51 -13.63
C TYR B 156 -7.56 14.83 -13.04
N GLU B 157 -6.35 14.85 -12.49
CA GLU B 157 -5.78 16.04 -11.91
C GLU B 157 -5.46 17.05 -13.00
N GLY B 158 -5.94 18.26 -12.83
CA GLY B 158 -5.60 19.35 -13.72
C GLY B 158 -6.65 19.63 -14.77
N ASP B 159 -7.78 18.95 -14.72
CA ASP B 159 -8.84 19.12 -15.69
C ASP B 159 -10.14 19.20 -14.94
N THR B 160 -11.22 19.50 -15.65
CA THR B 160 -12.53 19.72 -15.07
C THR B 160 -13.53 18.64 -15.46
N GLN B 161 -13.16 17.72 -16.33
CA GLN B 161 -14.08 16.69 -16.81
C GLN B 161 -14.59 15.86 -15.64
N ARG B 162 -15.85 15.45 -15.71
CA ARG B 162 -16.44 14.49 -14.78
C ARG B 162 -16.43 13.11 -15.40
N TYR B 163 -16.53 12.09 -14.55
CA TYR B 163 -16.34 10.71 -14.95
CA TYR B 163 -16.35 10.70 -14.97
C TYR B 163 -17.42 9.82 -14.35
N PRO B 164 -17.82 8.77 -15.05
CA PRO B 164 -18.72 7.78 -14.45
C PRO B 164 -17.97 7.00 -13.38
N VAL B 165 -18.74 6.29 -12.55
CA VAL B 165 -18.24 5.66 -11.33
C VAL B 165 -18.60 4.19 -11.33
N PHE B 166 -17.62 3.34 -11.02
CA PHE B 166 -17.73 1.90 -10.93
C PHE B 166 -17.35 1.50 -9.51
N TYR B 167 -18.31 0.95 -8.77
CA TYR B 167 -18.11 0.44 -7.42
C TYR B 167 -17.74 -1.03 -7.52
N LEU B 168 -16.59 -1.40 -6.95
CA LEU B 168 -15.96 -2.70 -7.16
C LEU B 168 -15.71 -3.33 -5.79
N LEU B 169 -16.39 -4.44 -5.53
CA LEU B 169 -16.53 -5.01 -4.20
CA LEU B 169 -16.53 -5.01 -4.20
C LEU B 169 -15.79 -6.35 -4.09
N HIS B 170 -15.10 -6.55 -2.97
CA HIS B 170 -14.37 -7.77 -2.71
C HIS B 170 -15.25 -8.79 -1.99
N GLY B 171 -14.67 -9.96 -1.72
CA GLY B 171 -15.34 -11.03 -1.02
C GLY B 171 -14.79 -11.27 0.39
N ALA B 172 -15.28 -12.34 1.00
CA ALA B 172 -14.91 -12.62 2.37
C ALA B 172 -13.41 -12.79 2.48
N GLY B 173 -12.83 -12.20 3.52
CA GLY B 173 -11.41 -12.24 3.74
C GLY B 173 -10.66 -11.07 3.16
N GLY B 174 -11.31 -10.32 2.27
CA GLY B 174 -10.69 -9.18 1.62
C GLY B 174 -10.88 -7.90 2.42
N ASP B 175 -10.55 -6.80 1.75
CA ASP B 175 -10.61 -5.46 2.33
C ASP B 175 -10.44 -4.49 1.17
N GLU B 176 -10.43 -3.20 1.49
CA GLU B 176 -10.40 -2.16 0.47
C GLU B 176 -9.11 -2.15 -0.33
N ASP B 177 -8.06 -2.82 0.13
CA ASP B 177 -6.79 -2.92 -0.58
C ASP B 177 -6.76 -4.06 -1.58
N ALA B 178 -7.70 -5.00 -1.50
CA ALA B 178 -7.57 -6.26 -2.21
C ALA B 178 -7.67 -6.12 -3.72
N TRP B 179 -8.63 -5.34 -4.23
CA TRP B 179 -8.77 -5.28 -5.67
C TRP B 179 -7.55 -4.67 -6.34
N THR B 180 -6.86 -3.72 -5.70
CA THR B 180 -5.62 -3.23 -6.28
CA THR B 180 -5.62 -3.22 -6.28
C THR B 180 -4.47 -4.20 -6.05
N ASN B 181 -4.37 -4.77 -4.85
CA ASN B 181 -3.22 -5.60 -4.51
C ASN B 181 -3.32 -6.96 -5.20
N MET B 182 -4.37 -7.72 -4.87
CA MET B 182 -4.58 -9.04 -5.46
C MET B 182 -5.09 -8.96 -6.90
N GLY B 183 -5.91 -7.97 -7.20
CA GLY B 183 -6.60 -7.91 -8.48
C GLY B 183 -5.96 -7.05 -9.53
N ARG B 184 -4.86 -6.36 -9.23
CA ARG B 184 -4.15 -5.55 -10.22
C ARG B 184 -5.05 -4.49 -10.84
N THR B 185 -5.99 -3.95 -10.06
CA THR B 185 -6.98 -3.04 -10.64
C THR B 185 -6.32 -1.80 -11.24
N ALA B 186 -5.33 -1.21 -10.57
CA ALA B 186 -4.76 0.02 -11.11
C ALA B 186 -4.10 -0.23 -12.45
N GLN B 187 -3.42 -1.36 -12.60
CA GLN B 187 -2.76 -1.70 -13.86
C GLN B 187 -3.79 -2.02 -14.93
N ILE B 188 -4.77 -2.85 -14.60
CA ILE B 188 -5.80 -3.20 -15.57
C ILE B 188 -6.50 -1.94 -16.08
N MET B 189 -6.90 -1.07 -15.16
CA MET B 189 -7.61 0.14 -15.56
C MET B 189 -6.69 1.09 -16.32
N ASP B 190 -5.46 1.28 -15.84
CA ASP B 190 -4.55 2.16 -16.57
C ASP B 190 -4.39 1.68 -18.00
N ASN B 191 -4.18 0.37 -18.16
CA ASN B 191 -3.91 -0.17 -19.49
C ASN B 191 -5.14 -0.15 -20.37
N LEU B 192 -6.29 -0.55 -19.84
CA LEU B 192 -7.51 -0.52 -20.65
C LEU B 192 -7.85 0.90 -21.08
N ILE B 193 -7.73 1.86 -20.16
CA ILE B 193 -8.07 3.23 -20.50
C ILE B 193 -7.09 3.79 -21.51
N ALA B 194 -5.79 3.56 -21.30
CA ALA B 194 -4.81 4.09 -22.22
C ALA B 194 -4.94 3.48 -23.60
N GLN B 195 -5.37 2.23 -23.68
CA GLN B 195 -5.56 1.56 -24.96
C GLN B 195 -6.87 1.96 -25.63
N GLY B 196 -7.72 2.72 -24.95
CA GLY B 196 -9.00 3.09 -25.51
C GLY B 196 -10.05 2.00 -25.42
N LYS B 197 -9.80 0.97 -24.63
CA LYS B 197 -10.70 -0.16 -24.53
C LYS B 197 -11.77 0.02 -23.46
N ALA B 198 -11.50 0.81 -22.44
CA ALA B 198 -12.50 1.19 -21.45
C ALA B 198 -12.52 2.70 -21.35
N LYS B 199 -13.69 3.22 -21.03
CA LYS B 199 -13.81 4.65 -20.82
C LYS B 199 -13.09 5.06 -19.54
N PRO B 200 -12.52 6.26 -19.51
N PRO B 200 -12.50 6.25 -19.52
CA PRO B 200 -11.99 6.75 -18.23
CA PRO B 200 -12.03 6.79 -18.24
C PRO B 200 -13.11 6.82 -17.20
C PRO B 200 -13.15 6.76 -17.22
N MET B 201 -12.84 6.28 -16.02
CA MET B 201 -13.86 6.10 -15.00
C MET B 201 -13.18 6.11 -13.64
N ILE B 202 -13.97 6.45 -12.64
CA ILE B 202 -13.57 6.37 -11.23
C ILE B 202 -13.94 4.98 -10.75
N VAL B 203 -13.03 4.31 -10.05
CA VAL B 203 -13.30 2.98 -9.51
C VAL B 203 -13.17 3.03 -8.00
N VAL B 204 -14.24 2.67 -7.31
CA VAL B 204 -14.36 2.82 -5.87
C VAL B 204 -14.33 1.44 -5.24
N MET B 205 -13.32 1.20 -4.42
CA MET B 205 -13.09 -0.11 -3.79
C MET B 205 -13.28 0.02 -2.29
N THR B 206 -14.44 -0.42 -1.82
CA THR B 206 -14.81 -0.35 -0.42
C THR B 206 -14.28 -1.54 0.37
N ASN B 207 -14.27 -1.36 1.68
CA ASN B 207 -14.13 -2.46 2.63
C ASN B 207 -15.54 -2.97 2.91
N GLY B 208 -15.79 -4.21 2.51
CA GLY B 208 -17.08 -4.85 2.58
C GLY B 208 -17.38 -5.54 3.89
N ASN B 209 -16.56 -5.37 4.91
CA ASN B 209 -16.70 -6.02 6.20
C ASN B 209 -17.18 -4.95 7.18
N ALA B 210 -18.48 -4.94 7.46
CA ALA B 210 -19.05 -3.82 8.20
C ALA B 210 -18.52 -3.70 9.61
N ASN B 211 -17.90 -4.75 10.15
CA ASN B 211 -17.31 -4.67 11.48
C ASN B 211 -15.90 -4.07 11.47
N GLN B 212 -15.33 -3.80 10.30
CA GLN B 212 -13.99 -3.25 10.17
C GLN B 212 -14.07 -1.79 9.76
N ALA B 213 -13.07 -1.03 10.19
CA ALA B 213 -12.87 0.32 9.69
C ALA B 213 -11.96 0.37 8.48
N GLY B 214 -11.07 -0.60 8.35
CA GLY B 214 -10.17 -0.64 7.23
C GLY B 214 -9.37 -1.93 7.27
N ALA B 215 -8.41 -2.02 6.35
CA ALA B 215 -7.69 -3.28 6.15
C ALA B 215 -6.86 -3.62 7.38
N GLN B 216 -6.91 -4.91 7.75
CA GLN B 216 -6.33 -5.37 9.00
C GLN B 216 -4.82 -5.26 9.07
N ASN B 217 -4.11 -5.10 7.95
CA ASN B 217 -2.66 -4.92 8.03
C ASN B 217 -2.27 -3.52 8.46
N GLU B 218 -3.21 -2.57 8.43
CA GLU B 218 -2.95 -1.18 8.76
C GLU B 218 -3.83 -0.63 9.86
N VAL B 219 -5.02 -1.19 10.05
CA VAL B 219 -6.06 -0.60 10.89
C VAL B 219 -6.47 -1.63 11.94
N PRO B 220 -6.44 -1.30 13.23
CA PRO B 220 -6.81 -2.28 14.25
CA PRO B 220 -6.81 -2.28 14.26
C PRO B 220 -8.31 -2.54 14.26
N PRO B 221 -8.74 -3.65 14.84
CA PRO B 221 -10.18 -3.90 14.99
C PRO B 221 -10.86 -2.77 15.77
N VAL B 222 -12.14 -2.57 15.49
CA VAL B 222 -12.86 -1.45 16.10
C VAL B 222 -13.50 -1.88 17.41
N PRO B 223 -13.59 -0.99 18.42
CA PRO B 223 -14.33 -1.32 19.65
C PRO B 223 -15.80 -1.60 19.37
N THR B 238 -27.35 -8.87 8.45
CA THR B 238 -26.87 -7.54 8.84
C THR B 238 -27.38 -6.46 7.88
N GLY B 239 -26.87 -6.45 6.64
CA GLY B 239 -27.27 -5.45 5.68
C GLY B 239 -26.63 -4.09 5.85
N LYS B 240 -25.76 -3.92 6.86
CA LYS B 240 -25.20 -2.60 7.13
C LYS B 240 -24.24 -2.16 6.03
N PHE B 241 -23.39 -3.08 5.54
CA PHE B 241 -22.51 -2.69 4.46
C PHE B 241 -23.30 -2.15 3.28
N GLU B 242 -24.33 -2.89 2.87
CA GLU B 242 -25.10 -2.54 1.68
C GLU B 242 -25.82 -1.21 1.86
N GLU B 243 -26.43 -1.01 3.02
CA GLU B 243 -27.10 0.26 3.28
C GLU B 243 -26.08 1.40 3.30
N HIS B 244 -24.91 1.16 3.90
CA HIS B 244 -23.90 2.22 3.96
C HIS B 244 -23.33 2.53 2.59
N LEU B 245 -23.28 1.57 1.67
CA LEU B 245 -22.75 1.90 0.36
C LEU B 245 -23.64 2.94 -0.31
N VAL B 246 -24.96 2.74 -0.20
N VAL B 246 -24.96 2.78 -0.20
CA VAL B 246 -25.92 3.62 -0.86
CA VAL B 246 -25.84 3.69 -0.92
C VAL B 246 -26.01 4.96 -0.13
C VAL B 246 -26.09 4.97 -0.14
N LYS B 247 -26.06 4.94 1.19
CA LYS B 247 -26.36 6.14 1.97
C LYS B 247 -25.11 6.95 2.33
N ASP B 248 -23.96 6.30 2.44
CA ASP B 248 -22.73 6.95 2.89
C ASP B 248 -21.68 7.03 1.80
N VAL B 249 -21.36 5.91 1.16
CA VAL B 249 -20.26 5.90 0.19
C VAL B 249 -20.62 6.69 -1.06
N VAL B 250 -21.75 6.37 -1.70
CA VAL B 250 -22.11 7.03 -2.94
C VAL B 250 -22.19 8.55 -2.77
N PRO B 251 -22.86 9.08 -1.75
CA PRO B 251 -22.86 10.54 -1.58
C PRO B 251 -21.47 11.11 -1.36
N PHE B 252 -20.61 10.40 -0.63
CA PHE B 252 -19.26 10.92 -0.40
C PHE B 252 -18.49 11.00 -1.70
N ILE B 253 -18.57 9.95 -2.51
CA ILE B 253 -17.89 9.97 -3.81
C ILE B 253 -18.40 11.12 -4.67
N GLU B 254 -19.73 11.29 -4.73
CA GLU B 254 -20.28 12.29 -5.63
C GLU B 254 -19.99 13.70 -5.15
N LYS B 255 -19.84 13.89 -3.84
CA LYS B 255 -19.49 15.18 -3.28
C LYS B 255 -18.02 15.53 -3.49
N ASN B 256 -17.12 14.54 -3.35
CA ASN B 256 -15.70 14.80 -3.22
C ASN B 256 -14.88 14.43 -4.44
N PHE B 257 -15.50 13.84 -5.46
CA PHE B 257 -14.85 13.53 -6.71
C PHE B 257 -15.71 14.09 -7.83
N ARG B 258 -15.09 14.31 -8.98
CA ARG B 258 -15.79 14.86 -10.15
C ARG B 258 -16.52 13.73 -10.86
N ALA B 259 -17.66 13.35 -10.29
CA ALA B 259 -18.41 12.19 -10.72
C ALA B 259 -19.63 12.61 -11.51
N LEU B 260 -19.83 11.98 -12.67
CA LEU B 260 -21.14 11.94 -13.30
C LEU B 260 -22.04 11.03 -12.45
N THR B 261 -23.35 11.28 -12.52
CA THR B 261 -24.30 10.63 -11.62
C THR B 261 -25.50 10.10 -12.40
N GLY B 262 -26.33 9.35 -11.69
CA GLY B 262 -27.45 8.66 -12.30
C GLY B 262 -27.04 7.29 -12.79
N LYS B 263 -28.05 6.44 -13.03
CA LYS B 263 -27.76 5.03 -13.24
C LYS B 263 -26.86 4.78 -14.45
N ASP B 264 -27.04 5.55 -15.53
CA ASP B 264 -26.26 5.27 -16.74
C ASP B 264 -24.79 5.63 -16.55
N ASN B 265 -24.46 6.35 -15.49
CA ASN B 265 -23.08 6.67 -15.13
C ASN B 265 -22.63 5.91 -13.91
N ARG B 266 -23.31 4.81 -13.57
CA ARG B 266 -23.04 4.11 -12.33
C ARG B 266 -23.03 2.60 -12.55
N ALA B 267 -21.92 1.97 -12.19
CA ALA B 267 -21.74 0.54 -12.31
C ALA B 267 -21.36 -0.04 -10.96
N ILE B 268 -21.68 -1.32 -10.77
CA ILE B 268 -21.30 -2.02 -9.56
C ILE B 268 -21.02 -3.47 -9.90
N ALA B 269 -19.98 -4.03 -9.30
CA ALA B 269 -19.69 -5.44 -9.44
C ALA B 269 -19.00 -5.93 -8.20
N GLY B 270 -19.09 -7.22 -7.94
CA GLY B 270 -18.40 -7.78 -6.79
C GLY B 270 -18.25 -9.28 -6.94
N LEU B 271 -17.30 -9.82 -6.19
CA LEU B 271 -17.00 -11.25 -6.21
C LEU B 271 -17.50 -11.91 -4.94
N SER B 272 -18.11 -13.09 -5.11
CA SER B 272 -18.57 -13.91 -4.00
C SER B 272 -19.43 -13.10 -3.03
N MET B 273 -19.04 -12.97 -1.75
CA MET B 273 -19.79 -12.13 -0.83
C MET B 273 -20.12 -10.78 -1.44
N GLY B 274 -19.16 -10.19 -2.14
CA GLY B 274 -19.39 -8.91 -2.78
C GLY B 274 -20.33 -8.97 -3.97
N GLY B 275 -20.42 -10.12 -4.64
CA GLY B 275 -21.46 -10.33 -5.62
C GLY B 275 -22.83 -10.44 -4.98
N GLY B 276 -22.87 -10.96 -3.75
CA GLY B 276 -24.09 -10.91 -2.97
C GLY B 276 -24.45 -9.48 -2.59
N HIS B 277 -23.47 -8.73 -2.11
CA HIS B 277 -23.71 -7.32 -1.83
C HIS B 277 -24.24 -6.61 -3.05
N THR B 278 -23.66 -6.90 -4.22
CA THR B 278 -24.08 -6.27 -5.46
C THR B 278 -25.55 -6.55 -5.74
N GLN B 279 -25.97 -7.80 -5.57
CA GLN B 279 -27.38 -8.13 -5.78
C GLN B 279 -28.26 -7.43 -4.78
N THR B 280 -27.89 -7.45 -3.50
CA THR B 280 -28.71 -6.80 -2.49
C THR B 280 -28.85 -5.31 -2.76
N ILE B 281 -27.74 -4.65 -3.07
CA ILE B 281 -27.75 -3.21 -3.30
C ILE B 281 -28.63 -2.87 -4.50
N THR B 282 -28.45 -3.60 -5.60
CA THR B 282 -29.21 -3.27 -6.80
C THR B 282 -30.67 -3.66 -6.65
N ASN B 283 -30.95 -4.81 -6.02
CA ASN B 283 -32.33 -5.22 -5.82
C ASN B 283 -33.07 -4.27 -4.89
N ASP B 284 -32.38 -3.71 -3.91
CA ASP B 284 -33.01 -2.81 -2.96
C ASP B 284 -33.08 -1.38 -3.48
N ASN B 285 -32.36 -1.08 -4.55
CA ASN B 285 -32.33 0.27 -5.13
C ASN B 285 -32.49 0.15 -6.65
N PRO B 286 -33.62 -0.38 -7.11
CA PRO B 286 -33.79 -0.53 -8.55
C PRO B 286 -33.71 0.82 -9.23
N GLY B 287 -33.03 0.85 -10.36
CA GLY B 287 -32.84 2.09 -11.09
C GLY B 287 -31.64 2.92 -10.65
N MET B 288 -30.83 2.42 -9.72
CA MET B 288 -29.66 3.16 -9.26
C MET B 288 -28.41 2.80 -10.04
N PHE B 289 -28.34 1.61 -10.63
CA PHE B 289 -27.16 1.17 -11.37
C PHE B 289 -27.59 0.61 -12.73
N SER B 290 -26.92 1.04 -13.79
CA SER B 290 -27.22 0.50 -15.10
C SER B 290 -26.33 -0.66 -15.49
N TYR B 291 -25.19 -0.83 -14.84
CA TYR B 291 -24.22 -1.87 -15.20
C TYR B 291 -23.94 -2.64 -13.93
N ILE B 292 -24.22 -3.94 -13.94
CA ILE B 292 -24.20 -4.76 -12.74
C ILE B 292 -23.41 -6.03 -13.07
N GLY B 293 -22.41 -6.33 -12.26
CA GLY B 293 -21.58 -7.52 -12.46
C GLY B 293 -21.57 -8.41 -11.24
N VAL B 294 -21.87 -9.69 -11.44
CA VAL B 294 -21.94 -10.65 -10.36
C VAL B 294 -20.90 -11.71 -10.64
N PHE B 295 -19.78 -11.67 -9.91
CA PHE B 295 -18.64 -12.54 -10.16
C PHE B 295 -18.65 -13.68 -9.14
N SER B 296 -18.65 -14.92 -9.62
CA SER B 296 -18.52 -16.09 -8.75
C SER B 296 -19.50 -16.04 -7.59
N MET B 297 -20.78 -15.85 -7.93
CA MET B 297 -21.84 -15.80 -6.92
C MET B 297 -23.15 -16.17 -7.60
N GLY B 298 -24.03 -16.81 -6.84
CA GLY B 298 -25.34 -17.18 -7.34
C GLY B 298 -26.47 -16.61 -6.50
N ILE B 299 -27.51 -17.44 -6.32
CA ILE B 299 -28.69 -17.07 -5.54
C ILE B 299 -28.34 -16.61 -4.13
N MET B 300 -29.12 -15.63 -3.64
CA MET B 300 -28.97 -15.07 -2.30
CA MET B 300 -28.95 -15.11 -2.30
C MET B 300 -29.85 -15.83 -1.31
N ALA B 301 -29.29 -16.12 -0.14
CA ALA B 301 -30.03 -16.79 0.92
C ALA B 301 -31.24 -15.96 1.34
N GLY B 307 -39.05 -16.65 8.15
CA GLY B 307 -39.61 -16.61 6.81
C GLY B 307 -39.59 -17.95 6.10
N ASP B 308 -40.74 -18.33 5.54
CA ASP B 308 -40.85 -19.57 4.79
C ASP B 308 -40.13 -19.43 3.45
N ALA B 309 -39.91 -20.58 2.80
CA ALA B 309 -39.27 -20.57 1.49
C ALA B 309 -40.13 -19.84 0.47
N GLU B 310 -41.45 -20.01 0.54
CA GLU B 310 -42.34 -19.34 -0.40
C GLU B 310 -42.27 -17.82 -0.26
N LYS B 311 -42.25 -17.33 0.98
CA LYS B 311 -42.20 -15.89 1.20
C LYS B 311 -40.90 -15.30 0.64
N ILE B 312 -39.79 -16.00 0.83
CA ILE B 312 -38.52 -15.54 0.27
C ILE B 312 -38.61 -15.49 -1.25
N GLU B 313 -39.24 -16.49 -1.86
N GLU B 313 -39.25 -16.48 -1.87
CA GLU B 313 -39.35 -16.51 -3.32
CA GLU B 313 -39.33 -16.46 -3.32
C GLU B 313 -40.27 -15.40 -3.83
C GLU B 313 -40.26 -15.38 -3.83
N LYS B 314 -41.33 -15.07 -3.08
CA LYS B 314 -42.20 -13.97 -3.48
C LYS B 314 -41.46 -12.64 -3.46
N GLU B 315 -40.67 -12.40 -2.42
CA GLU B 315 -39.90 -11.16 -2.36
C GLU B 315 -38.81 -11.15 -3.42
N ARG B 316 -38.17 -12.30 -3.66
CA ARG B 316 -37.16 -12.38 -4.70
C ARG B 316 -37.78 -12.06 -6.07
N ASP B 317 -38.94 -12.65 -6.35
CA ASP B 317 -39.60 -12.41 -7.63
C ASP B 317 -39.95 -10.93 -7.79
N ALA B 318 -40.47 -10.31 -6.74
CA ALA B 318 -40.83 -8.89 -6.84
C ALA B 318 -39.60 -8.03 -7.09
N LYS B 319 -38.49 -8.37 -6.43
CA LYS B 319 -37.27 -7.61 -6.66
C LYS B 319 -36.76 -7.79 -8.08
N ILE B 320 -36.85 -9.01 -8.62
CA ILE B 320 -36.44 -9.24 -10.01
C ILE B 320 -37.31 -8.43 -10.95
N GLU B 321 -38.62 -8.45 -10.74
CA GLU B 321 -39.51 -7.73 -11.65
C GLU B 321 -39.24 -6.24 -11.62
N ALA B 322 -39.04 -5.66 -10.44
CA ALA B 322 -38.74 -4.24 -10.36
C ALA B 322 -37.40 -3.93 -11.02
N LEU B 323 -36.40 -4.78 -10.79
CA LEU B 323 -35.11 -4.54 -11.42
C LEU B 323 -35.21 -4.74 -12.93
N LYS B 324 -35.97 -5.74 -13.36
CA LYS B 324 -36.15 -5.99 -14.79
C LYS B 324 -36.64 -4.75 -15.52
N LYS B 325 -37.51 -3.98 -14.87
CA LYS B 325 -38.16 -2.83 -15.47
C LYS B 325 -37.42 -1.54 -15.21
N SER B 326 -36.21 -1.61 -14.66
CA SER B 326 -35.53 -0.44 -14.12
C SER B 326 -34.72 0.33 -15.16
N GLY B 327 -34.59 -0.18 -16.38
CA GLY B 327 -33.84 0.52 -17.40
C GLY B 327 -32.36 0.24 -17.35
N TYR B 328 -31.98 -0.82 -16.66
CA TYR B 328 -30.56 -1.14 -16.61
C TYR B 328 -30.10 -1.50 -18.02
N LYS B 329 -28.78 -1.44 -18.22
CA LYS B 329 -28.20 -1.70 -19.52
C LYS B 329 -27.46 -3.01 -19.62
N LEU B 330 -26.88 -3.50 -18.52
CA LEU B 330 -26.09 -4.72 -18.55
C LEU B 330 -26.15 -5.39 -17.18
N TYR B 331 -26.48 -6.67 -17.19
CA TYR B 331 -26.40 -7.53 -16.01
C TYR B 331 -25.52 -8.69 -16.42
N TRP B 332 -24.30 -8.72 -15.89
CA TRP B 332 -23.25 -9.62 -16.38
C TRP B 332 -22.86 -10.56 -15.26
N ILE B 333 -23.04 -11.86 -15.49
CA ILE B 333 -22.77 -12.90 -14.52
C ILE B 333 -21.57 -13.69 -15.02
N ALA B 334 -20.52 -13.79 -14.21
CA ALA B 334 -19.32 -14.49 -14.62
C ALA B 334 -18.95 -15.50 -13.54
N CYS B 335 -18.61 -16.71 -13.96
CA CYS B 335 -18.32 -17.75 -12.98
C CYS B 335 -17.47 -18.83 -13.61
N GLY B 336 -16.57 -19.41 -12.80
CA GLY B 336 -15.78 -20.53 -13.26
C GLY B 336 -16.58 -21.82 -13.18
N LYS B 337 -16.37 -22.66 -14.19
CA LYS B 337 -17.13 -23.90 -14.26
C LYS B 337 -16.83 -24.83 -13.09
N ASP B 338 -15.65 -24.70 -12.48
CA ASP B 338 -15.24 -25.57 -11.37
C ASP B 338 -15.43 -24.93 -10.01
N ASP B 339 -16.05 -23.75 -9.96
CA ASP B 339 -16.33 -23.10 -8.69
C ASP B 339 -17.41 -23.85 -7.93
N PHE B 340 -17.25 -23.95 -6.60
CA PHE B 340 -18.28 -24.51 -5.74
CA PHE B 340 -18.28 -24.49 -5.72
C PHE B 340 -19.63 -23.83 -5.97
N VAL B 341 -19.63 -22.56 -6.35
CA VAL B 341 -20.87 -21.80 -6.51
C VAL B 341 -21.51 -22.00 -7.87
N TYR B 342 -20.94 -22.85 -8.73
N TYR B 342 -20.94 -22.85 -8.72
CA TYR B 342 -21.43 -22.99 -10.10
CA TYR B 342 -21.43 -22.98 -10.10
C TYR B 342 -22.93 -23.26 -10.12
C TYR B 342 -22.93 -23.27 -10.14
N GLN B 343 -23.39 -24.27 -9.37
CA GLN B 343 -24.81 -24.64 -9.41
C GLN B 343 -25.70 -23.53 -8.88
N SER B 344 -25.24 -22.77 -7.89
CA SER B 344 -26.05 -21.65 -7.41
C SER B 344 -26.13 -20.55 -8.46
N ALA B 345 -25.04 -20.32 -9.20
CA ALA B 345 -25.08 -19.36 -10.29
C ALA B 345 -25.97 -19.84 -11.42
N LEU B 346 -26.00 -21.15 -11.69
CA LEU B 346 -26.95 -21.70 -12.66
C LEU B 346 -28.38 -21.49 -12.16
N THR B 347 -28.62 -21.73 -10.87
CA THR B 347 -29.95 -21.49 -10.32
C THR B 347 -30.36 -20.04 -10.52
N LEU B 348 -29.45 -19.11 -10.27
CA LEU B 348 -29.74 -17.69 -10.52
C LEU B 348 -30.11 -17.46 -11.97
N ARG B 349 -29.28 -17.96 -12.90
CA ARG B 349 -29.57 -17.76 -14.31
C ARG B 349 -30.92 -18.34 -14.69
N ASN B 350 -31.25 -19.52 -14.17
CA ASN B 350 -32.53 -20.14 -14.49
C ASN B 350 -33.70 -19.29 -13.96
N THR B 351 -33.55 -18.71 -12.77
CA THR B 351 -34.61 -17.87 -12.23
CA THR B 351 -34.61 -17.87 -12.23
C THR B 351 -34.77 -16.61 -13.07
N LEU B 352 -33.66 -16.00 -13.50
CA LEU B 352 -33.77 -14.84 -14.35
C LEU B 352 -34.43 -15.19 -15.67
N ASP B 353 -34.08 -16.34 -16.25
CA ASP B 353 -34.75 -16.80 -17.46
C ASP B 353 -36.25 -16.90 -17.26
N LYS B 354 -36.68 -17.45 -16.12
CA LYS B 354 -38.10 -17.62 -15.87
C LYS B 354 -38.83 -16.28 -15.88
N HIS B 355 -38.14 -15.21 -15.50
CA HIS B 355 -38.68 -13.86 -15.51
C HIS B 355 -38.41 -13.11 -16.81
N ASN B 356 -37.83 -13.77 -17.80
CA ASN B 356 -37.45 -13.10 -19.04
CA ASN B 356 -37.45 -13.10 -19.04
C ASN B 356 -36.57 -11.88 -18.76
N PHE B 357 -35.72 -12.01 -17.74
CA PHE B 357 -34.80 -10.96 -17.35
C PHE B 357 -33.51 -11.15 -18.13
N LYS B 358 -33.11 -10.13 -18.89
CA LYS B 358 -31.99 -10.26 -19.79
C LYS B 358 -30.67 -10.04 -19.06
N TYR B 359 -29.78 -11.01 -19.21
CA TYR B 359 -28.44 -10.92 -18.66
C TYR B 359 -27.49 -11.50 -19.68
N VAL B 360 -26.20 -11.34 -19.40
CA VAL B 360 -25.13 -11.95 -20.18
C VAL B 360 -24.33 -12.82 -19.23
N TYR B 361 -24.06 -14.05 -19.63
CA TYR B 361 -23.31 -15.00 -18.81
C TYR B 361 -21.95 -15.28 -19.46
N ARG B 362 -20.91 -15.19 -18.66
CA ARG B 362 -19.55 -15.53 -19.05
C ARG B 362 -19.11 -16.69 -18.17
N GLU B 363 -19.03 -17.86 -18.74
CA GLU B 363 -18.46 -19.01 -18.04
C GLU B 363 -16.99 -19.08 -18.37
N SER B 364 -16.17 -19.32 -17.35
CA SER B 364 -14.74 -19.44 -17.56
C SER B 364 -14.26 -20.80 -17.06
N THR B 365 -13.03 -21.13 -17.45
CA THR B 365 -12.35 -22.24 -16.82
C THR B 365 -12.04 -21.91 -15.37
N GLY B 366 -11.70 -22.93 -14.61
CA GLY B 366 -11.19 -22.71 -13.28
C GLY B 366 -12.28 -22.45 -12.25
N GLY B 367 -11.85 -21.92 -11.13
CA GLY B 367 -12.70 -21.85 -9.96
C GLY B 367 -12.68 -20.48 -9.28
N HIS B 368 -12.62 -20.54 -7.96
CA HIS B 368 -12.85 -19.38 -7.09
C HIS B 368 -11.52 -18.71 -6.80
N THR B 369 -11.01 -17.97 -7.80
CA THR B 369 -9.64 -17.50 -7.75
C THR B 369 -9.52 -16.05 -8.22
N TRP B 370 -8.50 -15.38 -7.68
CA TRP B 370 -8.15 -14.04 -8.15
C TRP B 370 -7.76 -14.05 -9.61
N ALA B 371 -7.21 -15.15 -10.14
CA ALA B 371 -6.95 -15.20 -11.57
C ALA B 371 -8.24 -14.99 -12.35
N ASN B 372 -9.31 -15.66 -11.93
CA ASN B 372 -10.59 -15.44 -12.61
C ASN B 372 -11.13 -14.03 -12.35
N TRP B 373 -11.00 -13.52 -11.13
CA TRP B 373 -11.55 -12.20 -10.85
C TRP B 373 -10.83 -11.11 -11.64
N ARG B 374 -9.52 -11.25 -11.85
CA ARG B 374 -8.81 -10.33 -12.72
C ARG B 374 -9.34 -10.40 -14.14
N ILE B 375 -9.57 -11.62 -14.65
CA ILE B 375 -10.13 -11.77 -15.99
C ILE B 375 -11.49 -11.10 -16.06
N TYR B 376 -12.33 -11.30 -15.05
CA TYR B 376 -13.67 -10.74 -15.10
C TYR B 376 -13.63 -9.22 -15.08
N LEU B 377 -12.80 -8.62 -14.23
CA LEU B 377 -12.65 -7.17 -14.27
C LEU B 377 -12.18 -6.73 -15.64
N SER B 378 -11.21 -7.43 -16.20
N SER B 378 -11.22 -7.43 -16.22
CA SER B 378 -10.63 -7.06 -17.49
CA SER B 378 -10.65 -6.98 -17.48
C SER B 378 -11.68 -7.06 -18.59
C SER B 378 -11.66 -7.07 -18.62
N GLU B 379 -12.66 -7.96 -18.52
CA GLU B 379 -13.69 -8.06 -19.54
C GLU B 379 -14.89 -7.16 -19.25
N PHE B 380 -15.20 -6.94 -17.98
CA PHE B 380 -16.37 -6.14 -17.61
C PHE B 380 -16.11 -4.65 -17.80
N ALA B 381 -14.94 -4.16 -17.39
CA ALA B 381 -14.70 -2.72 -17.48
C ALA B 381 -14.85 -2.18 -18.89
N PRO B 382 -14.40 -2.85 -19.95
CA PRO B 382 -14.64 -2.35 -21.31
C PRO B 382 -16.10 -2.25 -21.71
N MET B 383 -17.00 -2.93 -21.02
CA MET B 383 -18.41 -2.88 -21.35
C MET B 383 -19.12 -1.68 -20.76
N LEU B 384 -18.50 -1.00 -19.82
CA LEU B 384 -19.22 -0.03 -19.01
C LEU B 384 -19.40 1.32 -19.70
N PHE B 385 -20.58 1.89 -19.49
CA PHE B 385 -20.87 3.28 -19.84
C PHE B 385 -20.92 3.48 -21.35
N LYS B 386 -21.25 2.42 -22.08
CA LYS B 386 -21.35 2.45 -23.53
C LYS B 386 -22.72 2.05 -24.02
C1 EDO C . 23.90 25.15 3.84
O1 EDO C . 23.73 24.04 2.94
C2 EDO C . 25.36 25.54 3.89
O2 EDO C . 25.83 25.81 2.55
H11 EDO C . 23.29 25.99 3.49
H12 EDO C . 23.55 24.87 4.83
HO1 EDO C . 22.82 23.76 2.93
H21 EDO C . 25.49 26.44 4.50
H22 EDO C . 25.94 24.74 4.32
HO2 EDO C . 26.78 26.02 2.58
C1 EDO D . 20.47 5.83 4.20
O1 EDO D . 21.21 7.05 4.09
C2 EDO D . 19.02 6.18 4.48
O2 EDO D . 18.39 6.49 3.24
H11 EDO D . 20.55 5.26 3.27
H12 EDO D . 20.87 5.21 5.01
HO1 EDO D . 22.08 6.88 3.69
H21 EDO D . 18.51 5.35 4.97
H22 EDO D . 18.97 7.04 5.16
HO2 EDO D . 18.55 7.42 3.01
C1 EDO E . 7.70 -4.12 -9.83
O1 EDO E . 8.75 -4.75 -9.10
C2 EDO E . 8.27 -3.44 -11.05
O2 EDO E . 8.69 -4.44 -11.98
H11 EDO E . 6.95 -4.87 -10.14
H12 EDO E . 7.19 -3.39 -9.20
HO1 EDO E . 8.38 -5.20 -8.33
H21 EDO E . 7.52 -2.79 -11.51
H22 EDO E . 9.13 -2.82 -10.76
HO2 EDO E . 9.34 -4.05 -12.59
C1 EDO F . 26.06 4.81 11.73
O1 EDO F . 26.13 5.84 10.76
C2 EDO F . 24.90 5.18 12.62
O2 EDO F . 23.92 4.15 12.53
H11 EDO F . 25.92 3.84 11.27
H12 EDO F . 26.99 4.76 12.31
HO1 EDO F . 26.88 5.67 10.16
H21 EDO F . 25.22 5.29 13.65
H22 EDO F . 24.47 6.13 12.30
HO2 EDO F . 23.36 4.30 11.75
C1 EDO G . 25.22 6.17 7.73
O1 EDO G . 26.13 5.07 7.72
C2 EDO G . 25.97 7.49 7.85
O2 EDO G . 25.17 8.59 7.41
H11 EDO G . 24.64 6.16 6.81
H12 EDO G . 24.53 6.06 8.57
HO1 EDO G . 25.64 4.24 7.74
H21 EDO G . 26.26 7.64 8.89
H22 EDO G . 26.88 7.45 7.24
HO2 EDO G . 25.71 9.38 7.35
C1 EDO H . 21.26 -16.54 11.94
O1 EDO H . 21.27 -15.82 13.16
C2 EDO H . 20.98 -18.00 12.23
O2 EDO H . 21.54 -18.79 11.19
H11 EDO H . 22.23 -16.44 11.43
H12 EDO H . 20.50 -16.14 11.26
HO1 EDO H . 21.95 -15.14 13.13
H21 EDO H . 21.41 -18.28 13.20
H22 EDO H . 19.90 -18.17 12.29
HO2 EDO H . 21.25 -19.71 11.28
C1 EDO I . -0.35 28.44 8.11
C1 EDO I . -1.05 28.60 8.46
O1 EDO I . 0.19 29.18 9.22
O1 EDO I . -0.01 28.19 7.56
C2 EDO I . -1.62 27.73 8.56
C2 EDO I . -1.94 27.40 8.79
O2 EDO I . -2.77 28.52 8.21
O2 EDO I . -3.03 27.33 7.86
H11 EDO I . -0.58 29.13 7.30
H11 EDO I . -0.61 28.99 9.38
H12 EDO I . 0.37 27.72 7.75
H12 EDO I . -1.64 29.39 8.00
HO1 EDO I . 0.92 29.74 8.90
HO1 EDO I . 0.59 28.93 7.41
H21 EDO I . -1.69 26.75 8.08
H21 EDO I . -1.36 26.48 8.75
H22 EDO I . -1.60 27.58 9.64
H22 EDO I . -2.33 27.51 9.80
HO2 EDO I . -3.57 28.02 8.43
HO2 EDO I . -3.55 26.54 8.04
C1 EDO J . 14.82 32.45 12.28
O1 EDO J . 15.59 32.03 13.40
C2 EDO J . 15.46 33.69 11.66
O2 EDO J . 16.50 34.16 12.51
H11 EDO J . 14.76 31.66 11.53
H12 EDO J . 13.80 32.68 12.60
HO1 EDO J . 15.21 31.22 13.76
H21 EDO J . 15.86 33.45 10.67
H22 EDO J . 14.70 34.47 11.54
HO2 EDO J . 16.93 34.93 12.10
C1 EDO K . 22.84 28.43 16.21
C1 EDO K . 22.92 28.41 16.15
O1 EDO K . 22.25 29.51 15.49
O1 EDO K . 22.32 29.69 16.05
C2 EDO K . 22.38 28.43 17.65
C2 EDO K . 23.13 28.01 17.60
O2 EDO K . 21.55 27.29 17.83
O2 EDO K . 24.53 27.94 17.89
H11 EDO K . 22.56 27.48 15.74
H11 EDO K . 22.30 27.67 15.65
H12 EDO K . 23.92 28.51 16.16
H12 EDO K . 23.90 28.43 15.64
HO1 EDO K . 22.61 29.54 14.59
HO1 EDO K . 22.30 29.98 15.13
H21 EDO K . 23.24 28.38 18.32
H21 EDO K . 22.65 28.74 18.26
H22 EDO K . 21.84 29.35 17.87
H22 EDO K . 22.66 27.04 17.79
HO2 EDO K . 21.21 27.28 18.75
HO2 EDO K . 24.66 27.63 18.79
C1 EDO L . 0.43 2.42 -9.51
O1 EDO L . 0.29 3.54 -10.37
C2 EDO L . -0.45 2.57 -8.27
O2 EDO L . -0.10 3.73 -7.52
H11 EDO L . 0.14 1.51 -10.04
H12 EDO L . 1.47 2.32 -9.20
HO1 EDO L . 0.44 3.26 -11.28
H21 EDO L . -1.50 2.63 -8.57
H22 EDO L . -0.33 1.68 -7.64
HO2 EDO L . -0.55 3.71 -6.67
C1 EDO M . 10.86 -11.55 2.13
O1 EDO M . 11.40 -10.36 1.64
C2 EDO M . 11.49 -11.74 3.48
O2 EDO M . 11.16 -13.04 3.89
H11 EDO M . 9.77 -11.47 2.22
H12 EDO M . 11.09 -12.38 1.47
HO1 EDO M . 11.02 -10.18 0.77
H21 EDO M . 12.57 -11.61 3.42
H22 EDO M . 11.10 -11.01 4.20
HO2 EDO M . 11.57 -13.23 4.75
C1 EDO N . -2.45 1.09 -4.15
O1 EDO N . -2.03 0.88 -2.80
C2 EDO N . -1.38 0.58 -5.09
O2 EDO N . -0.15 1.22 -4.79
H11 EDO N . -3.39 0.57 -4.32
H12 EDO N . -2.61 2.15 -4.32
HO1 EDO N . -2.71 1.20 -2.19
H21 EDO N . -1.28 -0.51 -4.97
H22 EDO N . -1.68 0.77 -6.12
HO2 EDO N . 0.52 0.96 -5.44
C1 EDO O . 5.13 -13.71 5.99
O1 EDO O . 3.75 -13.52 6.01
C2 EDO O . 5.33 -14.89 5.09
O2 EDO O . 6.67 -15.26 5.20
H11 EDO O . 5.65 -12.84 5.61
H12 EDO O . 5.51 -13.93 7.00
HO1 EDO O . 3.55 -12.78 6.60
H21 EDO O . 4.68 -15.73 5.39
H22 EDO O . 5.08 -14.64 4.06
HO2 EDO O . 6.84 -16.07 4.70
C1 EDO P . -3.29 5.30 5.88
O1 EDO P . -4.24 5.12 4.81
C2 EDO P . -3.94 5.02 7.23
O2 EDO P . -5.01 5.95 7.45
H11 EDO P . -2.44 4.62 5.74
H12 EDO P . -2.91 6.32 5.86
HO1 EDO P . -3.78 5.19 3.97
H21 EDO P . -4.33 4.01 7.24
H22 EDO P . -3.20 5.11 8.02
HO2 EDO P . -5.70 5.53 7.97
C1 EDO Q . -0.05 4.43 2.18
O1 EDO Q . 0.30 3.34 1.33
C2 EDO Q . -0.45 3.97 3.56
O2 EDO Q . -1.50 3.00 3.47
H11 EDO Q . 0.80 5.11 2.26
H12 EDO Q . -0.87 4.98 1.72
HO1 EDO Q . 0.62 3.68 0.48
H21 EDO Q . 0.41 3.52 4.06
H22 EDO Q . -0.78 4.82 4.15
HO2 EDO Q . -1.86 2.84 4.34
C1 EDO R . -31.94 -9.97 -9.58
O1 EDO R . -33.00 -9.57 -8.70
C2 EDO R . -31.14 -11.08 -8.92
O2 EDO R . -30.52 -10.55 -7.75
H11 EDO R . -32.35 -10.32 -10.53
H12 EDO R . -31.30 -9.11 -9.79
HO1 EDO R . -33.51 -8.84 -9.11
H21 EDO R . -31.79 -11.91 -8.67
H22 EDO R . -30.37 -11.44 -9.62
HO2 EDO R . -30.06 -11.26 -7.29
C1 EDO S . -13.08 -14.94 -1.72
C1 EDO S . -13.52 -14.80 -1.73
O1 EDO S . -13.38 -13.65 -1.17
O1 EDO S . -13.38 -13.55 -1.05
C2 EDO S . -13.82 -16.02 -0.95
C2 EDO S . -13.12 -15.96 -0.82
O2 EDO S . -15.19 -15.96 -1.33
O2 EDO S . -13.88 -15.89 0.39
H11 EDO S . -13.36 -14.97 -2.77
H11 EDO S . -14.55 -14.93 -2.07
H12 EDO S . -12.00 -15.13 -1.66
H12 EDO S . -12.89 -14.80 -2.62
HO1 EDO S . -12.83 -12.99 -1.59
HO1 EDO S . -13.46 -12.82 -1.69
H21 EDO S . -13.72 -15.85 0.13
H21 EDO S . -12.05 -15.90 -0.60
H22 EDO S . -13.40 -17.00 -1.18
H22 EDO S . -13.32 -16.90 -1.32
HO2 EDO S . -15.68 -16.64 -0.86
HO2 EDO S . -13.64 -16.62 0.97
C1 EDO T . -9.89 -13.79 -1.03
O1 EDO T . -8.54 -13.85 -1.48
C2 EDO T . -10.08 -12.54 -0.21
O2 EDO T . -9.78 -11.44 -1.05
H11 EDO T . -10.57 -13.76 -1.89
H12 EDO T . -10.14 -14.66 -0.44
HO1 EDO T . -8.40 -14.68 -1.97
H21 EDO T . -11.11 -12.46 0.16
H22 EDO T . -9.42 -12.54 0.67
HO2 EDO T . -9.77 -10.61 -0.55
C1 EDO U . -2.32 -17.94 -12.53
O1 EDO U . -2.55 -17.54 -11.17
C2 EDO U . -2.88 -19.33 -12.79
O2 EDO U . -4.30 -19.22 -12.84
H11 EDO U . -2.78 -17.22 -13.20
H12 EDO U . -1.25 -17.93 -12.73
HO1 EDO U . -2.20 -16.65 -11.03
H21 EDO U . -2.50 -19.70 -13.75
H22 EDO U . -2.57 -20.02 -12.01
HO2 EDO U . -4.67 -20.10 -12.99
C1 EDO V . 14.95 -10.81 -8.93
C1 EDO V . 15.45 -10.57 -9.21
O1 EDO V . 15.92 -11.54 -8.17
O1 EDO V . 15.92 -11.43 -8.16
C2 EDO V . 14.55 -11.58 -10.19
C2 EDO V . 14.10 -11.07 -9.71
O2 EDO V . 13.16 -11.42 -10.42
O2 EDO V . 13.13 -10.95 -8.65
H11 EDO V . 14.06 -10.64 -8.31
H11 EDO V . 15.34 -9.55 -8.83
H12 EDO V . 15.34 -9.84 -9.21
H12 EDO V . 16.17 -10.55 -10.03
HO1 EDO V . 16.25 -10.99 -7.45
HO1 EDO V . 16.78 -11.12 -7.86
H21 EDO V . 15.13 -11.21 -11.05
H21 EDO V . 13.77 -10.47 -10.57
H22 EDO V . 14.79 -12.65 -10.07
H22 EDO V . 14.18 -12.11 -10.03
HO2 EDO V . 12.89 -11.98 -11.16
HO2 EDO V . 12.25 -11.11 -9.00
C1 EDO W . -12.54 -23.68 -5.70
O1 EDO W . -11.83 -22.93 -6.67
C2 EDO W . -13.95 -23.73 -6.20
O2 EDO W . -14.81 -23.06 -5.29
H11 EDO W . -12.12 -24.68 -5.59
H12 EDO W . -12.49 -23.19 -4.72
HO1 EDO W . -10.91 -22.82 -6.39
H21 EDO W . -14.01 -23.25 -7.18
H22 EDO W . -14.27 -24.77 -6.32
HO2 EDO W . -15.43 -23.70 -4.90
C1 EDO X . 15.64 -16.79 0.42
O1 EDO X . 15.20 -15.88 -0.59
C2 EDO X . 17.16 -16.75 0.61
O2 EDO X . 17.84 -17.06 -0.63
H11 EDO X . 15.17 -16.53 1.36
H12 EDO X . 15.33 -17.80 0.15
HO1 EDO X . 14.31 -16.11 -0.86
H21 EDO X . 17.47 -15.76 0.95
H22 EDO X . 17.46 -17.47 1.36
HO2 EDO X . 17.82 -18.01 -0.79
#